data_3IEX
#
_entry.id   3IEX
#
_cell.length_a   48.212
_cell.length_b   118.195
_cell.length_c   129.356
_cell.angle_alpha   90.00
_cell.angle_beta   90.00
_cell.angle_gamma   90.00
#
_symmetry.space_group_name_H-M   'P 21 21 21'
#
loop_
_entity.id
_entity.type
_entity.pdbx_description
1 polymer 'Purine-nucleoside phosphorylase'
2 non-polymer GUANOSINE
3 non-polymer 'SULFATE ION'
4 non-polymer 'DIMETHYL SULFOXIDE'
5 non-polymer 'ACETATE ION'
6 water water
#
_entity_poly.entity_id   1
_entity_poly.type   'polypeptide(L)'
_entity_poly.pdbx_seq_one_letter_code
;MHESVTANIENVKKVAHHIQKLTSIVPEIGIICGSGLGKLADGVKDKITIPYTKIPNFPQTSVVGHSGNLIFGTLSGRKV
VVMQGRFHMYEGYSNDTVALPIRVMKLLGVKILMVSNAAGGLNRSLKLGDFVILKDHIYLPGLGLNNILVGPNQEAFGTR
FPALSNAYDRDLRKLAVQVAEENGFGNLVHQGVYVMNGGPCYETPAECTMLLNMGCDVVGMSTIPEVVIARHCGIQVFAV
SLVTNISVLDVESDLKPNHEEVLATGAQRAELMQSWFEKIIEKLPKD
;
_entity_poly.pdbx_strand_id   A,B,C
#
loop_
_chem_comp.id
_chem_comp.type
_chem_comp.name
_chem_comp.formula
ACT non-polymer 'ACETATE ION' 'C2 H3 O2 -1'
DMS non-polymer 'DIMETHYL SULFOXIDE' 'C2 H6 O S'
GMP non-polymer GUANOSINE 'C10 H13 N5 O5'
SO4 non-polymer 'SULFATE ION' 'O4 S -2'
#
# COMPACT_ATOMS: atom_id res chain seq x y z
N SER A 4 -5.26 -3.06 -21.16
CA SER A 4 -3.82 -3.29 -21.20
C SER A 4 -3.50 -4.73 -21.52
N VAL A 5 -2.49 -4.95 -22.36
CA VAL A 5 -2.06 -6.28 -22.71
C VAL A 5 -1.08 -6.79 -21.65
N THR A 6 -1.16 -8.08 -21.34
CA THR A 6 -0.29 -8.67 -20.34
C THR A 6 1.16 -8.50 -20.77
N ALA A 7 2.01 -8.11 -19.84
CA ALA A 7 3.44 -7.99 -20.12
C ALA A 7 4.10 -9.38 -20.08
N ASN A 8 3.46 -10.36 -20.72
CA ASN A 8 4.04 -11.69 -20.82
C ASN A 8 4.97 -11.76 -22.04
N ILE A 9 5.72 -12.84 -22.14
CA ILE A 9 6.72 -12.95 -23.20
C ILE A 9 6.12 -12.86 -24.60
N GLU A 10 4.94 -13.44 -24.80
CA GLU A 10 4.30 -13.42 -26.10
C GLU A 10 3.97 -12.01 -26.55
N ASN A 11 3.27 -11.26 -25.70
CA ASN A 11 2.90 -9.88 -26.02
C ASN A 11 4.11 -8.97 -26.14
N VAL A 12 5.05 -9.11 -25.22
CA VAL A 12 6.27 -8.32 -25.27
C VAL A 12 7.02 -8.63 -26.57
N LYS A 13 7.08 -9.90 -26.93
CA LYS A 13 7.76 -10.30 -28.16
C LYS A 13 7.13 -9.64 -29.38
N LYS A 14 5.80 -9.70 -29.46
CA LYS A 14 5.08 -9.07 -30.55
C LYS A 14 5.45 -7.60 -30.66
N VAL A 15 5.33 -6.87 -29.56
CA VAL A 15 5.70 -5.46 -29.55
C VAL A 15 7.16 -5.26 -29.97
N ALA A 16 8.06 -6.00 -29.35
CA ALA A 16 9.48 -5.90 -29.68
C ALA A 16 9.68 -6.09 -31.17
N HIS A 17 9.02 -7.11 -31.71
CA HIS A 17 9.15 -7.45 -33.11
C HIS A 17 8.63 -6.35 -34.01
N HIS A 18 7.44 -5.84 -33.73
CA HIS A 18 6.92 -4.76 -34.56
C HIS A 18 7.88 -3.59 -34.54
N ILE A 19 8.46 -3.33 -33.36
CA ILE A 19 9.43 -2.26 -33.23
C ILE A 19 10.66 -2.56 -34.08
N GLN A 20 11.09 -3.81 -34.07
CA GLN A 20 12.29 -4.21 -34.80
C GLN A 20 12.08 -4.10 -36.31
N LYS A 21 10.83 -4.03 -36.73
CA LYS A 21 10.49 -3.73 -38.11
C LYS A 21 10.81 -2.27 -38.42
N LEU A 22 10.67 -1.42 -37.41
CA LEU A 22 10.78 0.02 -37.59
C LEU A 22 12.21 0.52 -37.37
N THR A 23 13.09 -0.37 -36.93
CA THR A 23 14.45 0.04 -36.61
C THR A 23 15.38 -1.14 -36.40
N SER A 24 16.63 -0.99 -36.83
CA SER A 24 17.63 -2.03 -36.67
C SER A 24 18.64 -1.63 -35.61
N ILE A 25 18.40 -0.49 -34.96
CA ILE A 25 19.19 -0.13 -33.79
C ILE A 25 18.87 -1.09 -32.66
N VAL A 26 19.83 -1.94 -32.34
CA VAL A 26 19.72 -2.78 -31.15
C VAL A 26 20.23 -1.98 -29.96
N PRO A 27 19.31 -1.55 -29.09
CA PRO A 27 19.70 -0.69 -27.95
C PRO A 27 20.39 -1.51 -26.88
N GLU A 28 21.49 -1.02 -26.35
CA GLU A 28 22.07 -1.65 -25.18
C GLU A 28 21.76 -0.86 -23.91
N ILE A 29 21.42 0.40 -24.10
CA ILE A 29 21.08 1.27 -23.00
C ILE A 29 19.69 1.83 -23.20
N GLY A 30 18.84 1.64 -22.20
CA GLY A 30 17.50 2.19 -22.21
C GLY A 30 17.51 3.41 -21.32
N ILE A 31 16.90 4.48 -21.80
CA ILE A 31 16.85 5.69 -21.01
C ILE A 31 15.40 6.07 -20.82
N ILE A 32 15.00 6.25 -19.58
CA ILE A 32 13.68 6.74 -19.28
C ILE A 32 13.80 8.17 -18.81
N CYS A 33 13.37 9.09 -19.66
CA CYS A 33 13.47 10.51 -19.35
C CYS A 33 12.43 10.92 -18.34
N GLY A 34 12.91 11.40 -17.19
CA GLY A 34 12.06 12.10 -16.25
C GLY A 34 12.61 13.50 -16.19
N SER A 35 12.32 14.21 -15.11
CA SER A 35 12.88 15.55 -14.90
C SER A 35 14.35 15.56 -15.26
N GLY A 36 14.76 16.56 -16.02
CA GLY A 36 16.17 16.75 -16.36
C GLY A 36 16.57 16.07 -17.66
N LEU A 37 15.64 15.34 -18.26
CA LEU A 37 15.91 14.70 -19.54
C LEU A 37 14.86 15.12 -20.56
N GLY A 38 15.26 15.14 -21.83
CA GLY A 38 14.39 15.60 -22.89
C GLY A 38 15.06 16.71 -23.68
N GLY A 43 19.56 15.19 -28.75
CA GLY A 43 20.90 14.73 -28.45
C GLY A 43 21.22 13.41 -29.11
N VAL A 44 20.29 12.47 -29.03
CA VAL A 44 20.46 11.18 -29.67
C VAL A 44 20.74 11.39 -31.14
N LYS A 45 21.80 10.77 -31.64
CA LYS A 45 22.21 10.94 -33.02
C LYS A 45 21.88 9.70 -33.84
N ASP A 46 21.74 9.87 -35.16
CA ASP A 46 21.34 8.78 -36.05
C ASP A 46 20.05 8.16 -35.55
N LYS A 47 19.06 9.00 -35.25
CA LYS A 47 17.89 8.54 -34.51
C LYS A 47 16.64 8.33 -35.34
N ILE A 48 15.85 7.36 -34.92
CA ILE A 48 14.47 7.22 -35.37
C ILE A 48 13.55 7.45 -34.19
N THR A 49 12.53 8.29 -34.39
CA THR A 49 11.55 8.54 -33.35
C THR A 49 10.28 7.74 -33.63
N ILE A 50 10.05 6.70 -32.84
CA ILE A 50 8.88 5.86 -33.02
C ILE A 50 7.79 6.22 -32.02
N PRO A 51 6.79 6.98 -32.48
CA PRO A 51 5.67 7.36 -31.60
C PRO A 51 5.01 6.11 -31.05
N TYR A 52 4.67 6.10 -29.77
CA TYR A 52 4.00 4.96 -29.19
C TYR A 52 2.78 4.59 -30.02
N THR A 53 2.21 5.58 -30.70
CA THR A 53 0.99 5.38 -31.47
C THR A 53 1.20 4.43 -32.65
N LYS A 54 2.46 4.30 -33.07
CA LYS A 54 2.81 3.43 -34.19
C LYS A 54 3.12 2.01 -33.74
N ILE A 55 3.07 1.77 -32.43
CA ILE A 55 3.42 0.46 -31.91
C ILE A 55 2.20 -0.25 -31.31
N PRO A 56 1.65 -1.22 -32.05
CA PRO A 56 0.49 -2.00 -31.59
C PRO A 56 0.73 -2.61 -30.21
N ASN A 57 -0.25 -2.46 -29.33
CA ASN A 57 -0.20 -3.03 -27.99
C ASN A 57 0.78 -2.33 -27.06
N PHE A 58 1.63 -1.46 -27.60
CA PHE A 58 2.48 -0.66 -26.75
C PHE A 58 1.58 0.35 -26.06
N PRO A 59 1.83 0.58 -24.76
CA PRO A 59 1.00 1.49 -23.97
C PRO A 59 0.98 2.90 -24.57
N GLN A 60 -0.10 3.64 -24.33
CA GLN A 60 -0.27 4.95 -24.94
C GLN A 60 -0.29 6.08 -23.91
N THR A 61 0.54 7.10 -24.14
CA THR A 61 0.62 8.26 -23.25
C THR A 61 0.96 9.54 -24.01
N SER A 62 0.49 10.67 -23.49
CA SER A 62 0.75 11.97 -24.10
C SER A 62 1.62 12.84 -23.19
N SER A 67 1.87 12.59 -28.67
CA SER A 67 2.05 11.21 -28.22
C SER A 67 3.45 10.96 -27.67
N GLY A 68 3.58 9.87 -26.92
CA GLY A 68 4.87 9.47 -26.41
C GLY A 68 5.72 8.82 -27.50
N ASN A 69 7.02 8.88 -27.35
CA ASN A 69 7.93 8.39 -28.37
C ASN A 69 8.97 7.39 -27.87
N LEU A 70 9.23 6.39 -28.68
CA LEU A 70 10.32 5.47 -28.44
C LEU A 70 11.44 5.89 -29.37
N ILE A 71 12.48 6.50 -28.80
CA ILE A 71 13.55 7.07 -29.60
C ILE A 71 14.79 6.19 -29.60
N PHE A 72 15.15 5.67 -30.78
CA PHE A 72 16.34 4.87 -30.92
C PHE A 72 17.43 5.68 -31.60
N GLY A 73 18.68 5.33 -31.33
CA GLY A 73 19.77 6.04 -31.93
C GLY A 73 21.06 5.83 -31.16
N THR A 74 22.02 6.71 -31.41
CA THR A 74 23.34 6.60 -30.85
C THR A 74 23.62 7.75 -29.91
N LEU A 75 24.05 7.42 -28.70
CA LEU A 75 24.40 8.44 -27.73
C LEU A 75 25.74 8.06 -27.14
N SER A 76 26.71 8.96 -27.22
CA SER A 76 28.05 8.68 -26.75
C SER A 76 28.54 7.34 -27.30
N GLY A 77 28.27 7.12 -28.59
CA GLY A 77 28.77 5.97 -29.31
C GLY A 77 28.01 4.68 -29.02
N ARG A 78 27.03 4.77 -28.14
CA ARG A 78 26.30 3.58 -27.72
C ARG A 78 24.88 3.57 -28.26
N LYS A 79 24.40 2.39 -28.61
CA LYS A 79 23.03 2.23 -29.06
C LYS A 79 22.10 2.39 -27.86
N VAL A 80 21.16 3.31 -28.00
CA VAL A 80 20.25 3.61 -26.90
C VAL A 80 18.82 3.64 -27.40
N VAL A 81 17.90 3.30 -26.52
CA VAL A 81 16.49 3.54 -26.78
C VAL A 81 16.01 4.44 -25.66
N VAL A 82 15.46 5.58 -26.04
CA VAL A 82 14.98 6.55 -25.07
C VAL A 82 13.47 6.54 -25.04
N MET A 83 12.95 6.29 -23.85
CA MET A 83 11.53 6.30 -23.64
C MET A 83 11.12 7.73 -23.36
N GLN A 84 10.48 8.35 -24.35
CA GLN A 84 9.98 9.70 -24.19
C GLN A 84 8.46 9.64 -24.03
N GLY A 85 8.01 9.75 -22.79
CA GLY A 85 6.61 9.50 -22.49
C GLY A 85 6.55 8.36 -21.49
N ARG A 86 6.30 8.72 -20.24
CA ARG A 86 6.42 7.77 -19.15
C ARG A 86 5.05 7.32 -18.67
N PHE A 87 5.01 6.18 -18.00
CA PHE A 87 3.77 5.63 -17.50
C PHE A 87 3.75 5.64 -15.98
N HIS A 88 3.00 6.58 -15.42
CA HIS A 88 2.97 6.78 -13.98
C HIS A 88 1.76 6.10 -13.39
N MET A 89 1.99 5.34 -12.34
CA MET A 89 0.92 4.63 -11.65
C MET A 89 -0.23 5.54 -11.20
N TYR A 90 0.09 6.79 -10.83
CA TYR A 90 -0.98 7.70 -10.40
C TYR A 90 -1.94 8.06 -11.54
N GLU A 91 -1.53 7.79 -12.78
CA GLU A 91 -2.40 8.07 -13.92
C GLU A 91 -3.43 6.97 -14.10
N GLY A 92 -3.27 5.88 -13.36
CA GLY A 92 -4.20 4.76 -13.44
C GLY A 92 -3.70 3.65 -14.32
N TYR A 93 -2.46 3.76 -14.80
CA TYR A 93 -1.87 2.72 -15.63
C TYR A 93 -1.71 1.45 -14.83
N SER A 94 -1.82 0.32 -15.52
CA SER A 94 -1.72 -0.97 -14.89
C SER A 94 -0.25 -1.38 -14.74
N ASN A 95 -0.01 -2.37 -13.91
CA ASN A 95 1.31 -2.97 -13.79
C ASN A 95 1.83 -3.43 -15.14
N ASP A 96 0.99 -4.19 -15.85
CA ASP A 96 1.36 -4.69 -17.17
C ASP A 96 1.75 -3.57 -18.12
N THR A 97 1.00 -2.47 -18.08
CA THR A 97 1.29 -1.32 -18.92
C THR A 97 2.65 -0.70 -18.61
N VAL A 98 2.95 -0.52 -17.34
CA VAL A 98 4.25 0.04 -16.95
C VAL A 98 5.37 -0.96 -17.21
N ALA A 99 5.06 -2.25 -17.07
CA ALA A 99 6.08 -3.29 -17.22
C ALA A 99 6.45 -3.55 -18.66
N LEU A 100 5.45 -3.50 -19.53
CA LEU A 100 5.66 -3.92 -20.90
C LEU A 100 6.85 -3.23 -21.56
N PRO A 101 6.90 -1.89 -21.49
CA PRO A 101 7.98 -1.16 -22.18
C PRO A 101 9.36 -1.59 -21.69
N ILE A 102 9.50 -1.79 -20.38
CA ILE A 102 10.76 -2.24 -19.82
C ILE A 102 11.09 -3.63 -20.35
N ARG A 103 10.07 -4.47 -20.44
CA ARG A 103 10.26 -5.83 -20.93
C ARG A 103 10.55 -5.81 -22.41
N VAL A 104 9.93 -4.88 -23.13
CA VAL A 104 10.25 -4.68 -24.53
C VAL A 104 11.71 -4.29 -24.65
N MET A 105 12.14 -3.33 -23.84
CA MET A 105 13.55 -2.94 -23.83
C MET A 105 14.43 -4.15 -23.70
N LYS A 106 14.14 -4.96 -22.68
CA LYS A 106 14.89 -6.18 -22.44
C LYS A 106 15.05 -6.98 -23.74
N LEU A 107 13.93 -7.25 -24.39
CA LEU A 107 13.94 -7.99 -25.65
C LEU A 107 14.69 -7.26 -26.75
N LEU A 108 14.59 -5.93 -26.76
CA LEU A 108 15.28 -5.15 -27.78
C LEU A 108 16.79 -5.24 -27.61
N GLY A 109 17.23 -5.63 -26.41
CA GLY A 109 18.64 -5.84 -26.15
C GLY A 109 19.21 -4.96 -25.04
N VAL A 110 18.35 -4.21 -24.37
CA VAL A 110 18.82 -3.29 -23.34
C VAL A 110 19.52 -4.05 -22.22
N LYS A 111 20.67 -3.53 -21.79
CA LYS A 111 21.45 -4.15 -20.73
C LYS A 111 21.42 -3.27 -19.51
N ILE A 112 21.34 -1.96 -19.76
CA ILE A 112 21.39 -0.97 -18.70
C ILE A 112 20.23 -0.02 -18.87
N LEU A 113 19.50 0.19 -17.78
CA LEU A 113 18.42 1.17 -17.78
C LEU A 113 18.87 2.39 -16.99
N MET A 114 18.89 3.54 -17.66
CA MET A 114 19.17 4.78 -16.98
C MET A 114 17.89 5.56 -16.89
N VAL A 115 17.53 5.92 -15.68
CA VAL A 115 16.29 6.61 -15.50
C VAL A 115 16.47 7.81 -14.59
N SER A 116 15.87 8.93 -14.96
CA SER A 116 15.83 10.08 -14.10
C SER A 116 14.39 10.30 -13.66
N ASN A 117 14.23 11.03 -12.57
CA ASN A 117 12.92 11.51 -12.19
C ASN A 117 13.05 12.79 -11.39
N ALA A 118 11.93 13.44 -11.16
CA ALA A 118 11.85 14.58 -10.29
C ALA A 118 11.42 14.04 -8.94
N ALA A 119 12.06 14.51 -7.88
CA ALA A 119 11.66 14.07 -6.57
C ALA A 119 11.75 15.21 -5.59
N GLY A 120 11.00 15.08 -4.49
CA GLY A 120 11.10 16.04 -3.40
C GLY A 120 12.30 15.69 -2.56
N GLY A 121 13.03 16.71 -2.14
CA GLY A 121 14.17 16.52 -1.28
C GLY A 121 13.77 16.43 0.17
N LEU A 122 13.80 15.21 0.71
CA LEU A 122 13.49 15.00 2.11
C LEU A 122 14.72 15.26 2.95
N ASN A 123 15.82 14.62 2.57
CA ASN A 123 17.09 14.79 3.26
C ASN A 123 17.41 16.27 3.36
N ARG A 124 17.57 16.75 4.60
CA ARG A 124 17.69 18.18 4.87
C ARG A 124 18.99 18.80 4.34
N SER A 125 19.93 17.96 3.93
CA SER A 125 21.20 18.46 3.39
C SER A 125 21.07 18.71 1.90
N LEU A 126 19.94 18.30 1.33
CA LEU A 126 19.71 18.44 -0.10
C LEU A 126 19.38 19.86 -0.48
N LYS A 127 19.86 20.28 -1.64
CA LYS A 127 19.50 21.58 -2.18
C LYS A 127 18.71 21.40 -3.47
N LEU A 128 17.94 22.43 -3.82
CA LEU A 128 17.20 22.41 -5.06
C LEU A 128 18.15 22.16 -6.22
N GLY A 129 17.74 21.35 -7.18
CA GLY A 129 18.54 21.10 -8.36
C GLY A 129 19.70 20.15 -8.12
N ASP A 130 19.84 19.64 -6.90
CA ASP A 130 20.78 18.57 -6.62
C ASP A 130 20.37 17.30 -7.36
N PHE A 131 21.35 16.44 -7.63
CA PHE A 131 21.08 15.11 -8.16
C PHE A 131 21.25 14.11 -7.05
N VAL A 132 20.24 13.28 -6.87
CA VAL A 132 20.35 12.19 -5.92
C VAL A 132 20.32 10.91 -6.71
N ILE A 133 21.49 10.31 -6.87
CA ILE A 133 21.59 8.98 -7.44
C ILE A 133 20.88 8.05 -6.48
N LEU A 134 19.97 7.25 -6.99
CA LEU A 134 19.34 6.25 -6.15
C LEU A 134 20.35 5.15 -5.87
N LYS A 135 20.57 4.88 -4.61
CA LYS A 135 21.37 3.72 -4.24
C LYS A 135 20.46 2.66 -3.68
N ASP A 136 19.23 3.06 -3.36
CA ASP A 136 18.21 2.13 -2.89
C ASP A 136 16.84 2.78 -2.92
N HIS A 137 15.81 2.02 -2.59
CA HIS A 137 14.48 2.60 -2.57
C HIS A 137 13.60 1.99 -1.51
N ILE A 138 12.48 2.64 -1.27
CA ILE A 138 11.44 2.07 -0.45
C ILE A 138 10.20 2.17 -1.30
N TYR A 139 9.63 1.00 -1.56
CA TYR A 139 8.57 0.86 -2.53
C TYR A 139 7.28 0.75 -1.76
N LEU A 140 6.82 1.87 -1.21
CA LEU A 140 5.62 1.86 -0.38
C LEU A 140 4.45 1.14 -1.04
N PRO A 141 4.16 1.48 -2.31
CA PRO A 141 3.08 0.71 -2.96
C PRO A 141 3.41 -0.77 -2.98
N GLY A 142 4.68 -1.11 -3.20
CA GLY A 142 5.10 -2.49 -3.27
C GLY A 142 4.93 -3.24 -1.96
N LEU A 143 5.21 -2.56 -0.86
CA LEU A 143 5.04 -3.17 0.46
C LEU A 143 3.57 -3.39 0.74
N GLY A 144 2.74 -2.55 0.14
CA GLY A 144 1.32 -2.55 0.45
C GLY A 144 0.47 -3.29 -0.54
N LEU A 145 1.08 -4.21 -1.29
CA LEU A 145 0.36 -5.11 -2.20
C LEU A 145 0.11 -4.49 -3.57
N ASN A 146 0.77 -3.37 -3.84
CA ASN A 146 0.68 -2.76 -5.15
C ASN A 146 2.00 -2.85 -5.87
N ASN A 147 2.72 -3.94 -5.64
CA ASN A 147 3.96 -4.17 -6.33
C ASN A 147 3.66 -4.49 -7.79
N ILE A 148 4.41 -3.88 -8.70
CA ILE A 148 4.16 -4.03 -10.12
C ILE A 148 4.21 -5.50 -10.58
N LEU A 149 4.86 -6.34 -9.77
CA LEU A 149 5.06 -7.75 -10.09
C LEU A 149 3.96 -8.64 -9.55
N VAL A 150 3.02 -8.07 -8.79
CA VAL A 150 1.92 -8.86 -8.27
C VAL A 150 1.18 -9.49 -9.44
N GLY A 151 0.85 -10.76 -9.29
CA GLY A 151 0.17 -11.50 -10.34
C GLY A 151 1.06 -12.64 -10.76
N PRO A 152 0.60 -13.46 -11.71
CA PRO A 152 1.45 -14.58 -12.14
C PRO A 152 2.83 -14.05 -12.54
N ASN A 153 3.88 -14.73 -12.09
CA ASN A 153 5.20 -14.32 -12.50
C ASN A 153 5.41 -14.63 -13.98
N GLN A 154 6.03 -13.71 -14.69
CA GLN A 154 6.35 -14.01 -16.08
C GLN A 154 7.73 -14.64 -16.14
N GLU A 155 7.79 -15.97 -16.14
CA GLU A 155 9.05 -16.69 -15.98
C GLU A 155 10.08 -16.43 -17.08
N ALA A 156 9.63 -16.07 -18.27
CA ALA A 156 10.56 -15.78 -19.35
C ALA A 156 11.35 -14.51 -19.03
N PHE A 157 10.82 -13.70 -18.13
CA PHE A 157 11.48 -12.43 -17.81
C PHE A 157 12.29 -12.51 -16.52
N GLY A 158 11.76 -13.16 -15.51
CA GLY A 158 12.50 -13.30 -14.28
C GLY A 158 11.89 -14.26 -13.26
N THR A 159 12.46 -14.22 -12.06
CA THR A 159 12.12 -15.15 -11.00
C THR A 159 10.90 -14.64 -10.23
N ARG A 160 10.20 -15.56 -9.58
CA ARG A 160 9.02 -15.20 -8.81
C ARG A 160 9.29 -14.19 -7.69
N PHE A 161 10.41 -14.39 -6.99
CA PHE A 161 10.79 -13.53 -5.88
C PHE A 161 12.13 -12.87 -6.18
N PRO A 162 12.12 -11.79 -6.96
CA PRO A 162 13.40 -11.14 -7.25
C PRO A 162 13.97 -10.52 -5.98
N ALA A 163 15.29 -10.57 -5.84
CA ALA A 163 15.96 -9.82 -4.81
C ALA A 163 16.21 -8.42 -5.36
N LEU A 164 16.24 -7.44 -4.49
CA LEU A 164 16.49 -6.08 -4.92
C LEU A 164 17.84 -5.59 -4.41
N SER A 165 18.73 -6.53 -4.16
CA SER A 165 20.09 -6.19 -3.73
C SER A 165 20.90 -5.71 -4.94
N ASN A 166 21.67 -4.66 -4.73
CA ASN A 166 22.37 -3.99 -5.82
C ASN A 166 21.41 -3.62 -6.93
N ALA A 167 20.14 -3.39 -6.58
CA ALA A 167 19.16 -2.96 -7.56
C ALA A 167 19.70 -1.75 -8.31
N TYR A 168 20.29 -0.84 -7.57
CA TYR A 168 20.90 0.33 -8.18
C TYR A 168 22.38 0.07 -8.29
N ASP A 169 22.76 -0.44 -9.46
CA ASP A 169 24.08 -0.98 -9.69
C ASP A 169 25.17 -0.09 -9.11
N ARG A 170 25.87 -0.60 -8.11
CA ARG A 170 26.87 0.19 -7.42
C ARG A 170 27.97 0.66 -8.37
N ASP A 171 28.26 -0.13 -9.39
CA ASP A 171 29.29 0.26 -10.36
C ASP A 171 28.83 1.43 -11.23
N LEU A 172 27.59 1.38 -11.71
CA LEU A 172 27.05 2.52 -12.43
C LEU A 172 27.01 3.75 -11.53
N ARG A 173 26.62 3.57 -10.28
CA ARG A 173 26.59 4.66 -9.32
C ARG A 173 27.97 5.27 -9.12
N LYS A 174 28.97 4.41 -8.94
CA LYS A 174 30.35 4.84 -8.80
C LYS A 174 30.78 5.65 -10.03
N LEU A 175 30.53 5.09 -11.20
CA LEU A 175 30.85 5.76 -12.46
C LEU A 175 30.14 7.11 -12.55
N ALA A 176 28.86 7.13 -12.20
CA ALA A 176 28.08 8.35 -12.26
C ALA A 176 28.75 9.42 -11.41
N VAL A 177 29.09 9.05 -10.18
CA VAL A 177 29.72 9.97 -9.24
C VAL A 177 31.07 10.45 -9.75
N GLN A 178 31.86 9.54 -10.30
CA GLN A 178 33.15 9.92 -10.84
C GLN A 178 33.00 10.87 -12.03
N VAL A 179 32.08 10.55 -12.92
CA VAL A 179 31.82 11.40 -14.08
C VAL A 179 31.40 12.80 -13.63
N ALA A 180 30.49 12.87 -12.68
CA ALA A 180 30.07 14.16 -12.14
C ALA A 180 31.27 14.88 -11.51
N GLU A 181 32.08 14.12 -10.77
CA GLU A 181 33.24 14.69 -10.07
C GLU A 181 34.20 15.37 -11.03
N GLU A 182 34.58 14.66 -12.08
CA GLU A 182 35.61 15.16 -12.99
C GLU A 182 35.06 16.20 -13.95
N ASN A 183 33.73 16.25 -14.09
CA ASN A 183 33.12 17.24 -14.96
C ASN A 183 32.65 18.46 -14.19
N GLY A 184 33.14 18.58 -12.96
CA GLY A 184 32.98 19.79 -12.19
C GLY A 184 31.69 19.97 -11.43
N PHE A 185 30.82 18.96 -11.41
CA PHE A 185 29.56 19.10 -10.68
C PHE A 185 29.32 18.00 -9.64
N GLY A 186 30.40 17.41 -9.15
CA GLY A 186 30.30 16.40 -8.11
C GLY A 186 29.65 16.95 -6.85
N ASN A 187 29.70 18.27 -6.71
CA ASN A 187 29.11 18.93 -5.54
C ASN A 187 27.58 18.87 -5.56
N LEU A 188 27.01 18.60 -6.72
CA LEU A 188 25.56 18.56 -6.86
C LEU A 188 25.03 17.16 -6.63
N VAL A 189 25.93 16.19 -6.70
CA VAL A 189 25.54 14.79 -6.75
C VAL A 189 25.57 14.12 -5.39
N HIS A 190 24.45 13.56 -5.01
CA HIS A 190 24.35 12.76 -3.81
C HIS A 190 23.88 11.39 -4.21
N GLN A 191 23.91 10.48 -3.26
CA GLN A 191 23.29 9.19 -3.43
C GLN A 191 22.35 9.07 -2.26
N GLY A 192 21.23 8.39 -2.47
CA GLY A 192 20.24 8.31 -1.42
C GLY A 192 19.16 7.30 -1.67
N VAL A 193 18.26 7.21 -0.71
CA VAL A 193 17.13 6.31 -0.80
C VAL A 193 15.94 7.08 -1.33
N TYR A 194 15.32 6.51 -2.35
CA TYR A 194 14.16 7.08 -2.99
C TYR A 194 12.94 6.35 -2.47
N VAL A 195 11.98 7.08 -1.96
CA VAL A 195 10.73 6.43 -1.60
C VAL A 195 9.66 6.79 -2.62
N MET A 196 8.91 5.79 -3.05
CA MET A 196 7.82 6.07 -3.94
C MET A 196 6.56 6.38 -3.14
N ASN A 197 5.99 7.54 -3.42
CA ASN A 197 4.62 7.84 -3.02
C ASN A 197 3.78 7.62 -4.28
N GLY A 198 2.86 6.66 -4.22
CA GLY A 198 1.96 6.40 -5.33
C GLY A 198 1.45 7.69 -5.97
N GLY A 199 1.17 8.70 -5.15
CA GLY A 199 0.74 9.99 -5.67
C GLY A 199 -0.74 9.99 -6.02
N PRO A 200 -1.21 11.02 -6.73
CA PRO A 200 -0.43 12.12 -7.31
C PRO A 200 -0.36 13.33 -6.39
N CYS A 201 -0.83 13.20 -5.16
CA CYS A 201 -0.68 14.27 -4.18
C CYS A 201 0.78 14.41 -3.80
N TYR A 202 1.25 15.63 -3.68
CA TYR A 202 2.52 15.85 -3.01
C TYR A 202 2.34 15.41 -1.55
N GLU A 203 3.45 15.13 -0.88
CA GLU A 203 3.40 14.65 0.48
C GLU A 203 2.96 15.78 1.38
N THR A 204 2.21 15.44 2.42
CA THR A 204 1.93 16.38 3.49
C THR A 204 3.21 16.57 4.30
N PRO A 205 3.25 17.63 5.11
CA PRO A 205 4.42 17.78 5.99
C PRO A 205 4.59 16.58 6.91
N ALA A 206 3.49 16.05 7.45
CA ALA A 206 3.55 14.88 8.31
C ALA A 206 4.08 13.67 7.52
N GLU A 207 3.67 13.54 6.28
CA GLU A 207 4.16 12.44 5.46
C GLU A 207 5.65 12.57 5.20
N CYS A 208 6.09 13.80 4.91
CA CYS A 208 7.50 14.03 4.61
C CYS A 208 8.34 13.72 5.83
N THR A 209 7.88 14.16 6.98
CA THR A 209 8.58 13.92 8.23
C THR A 209 8.70 12.43 8.45
N MET A 210 7.59 11.72 8.28
CA MET A 210 7.61 10.26 8.39
C MET A 210 8.56 9.62 7.39
N LEU A 211 8.49 10.07 6.14
CA LEU A 211 9.33 9.49 5.09
C LEU A 211 10.80 9.73 5.42
N LEU A 212 11.12 10.96 5.82
CA LEU A 212 12.49 11.28 6.21
C LEU A 212 12.93 10.33 7.32
N ASN A 213 12.10 10.19 8.35
CA ASN A 213 12.43 9.34 9.49
C ASN A 213 12.55 7.86 9.13
N MET A 214 11.88 7.44 8.07
CA MET A 214 11.98 6.08 7.57
C MET A 214 13.35 5.86 6.95
N GLY A 215 14.11 6.95 6.78
CA GLY A 215 15.41 6.86 6.15
C GLY A 215 15.39 7.18 4.68
N CYS A 216 14.37 7.90 4.23
CA CYS A 216 14.25 8.29 2.82
C CYS A 216 14.90 9.64 2.55
N ASP A 217 15.59 9.75 1.42
CA ASP A 217 16.27 11.00 1.08
C ASP A 217 15.45 11.81 0.09
N VAL A 218 14.76 11.12 -0.81
CA VAL A 218 13.96 11.79 -1.82
C VAL A 218 12.68 11.01 -2.02
N VAL A 219 11.63 11.72 -2.40
CA VAL A 219 10.33 11.08 -2.60
C VAL A 219 9.76 11.44 -3.97
N GLY A 220 9.27 10.44 -4.67
CA GLY A 220 8.71 10.64 -5.99
C GLY A 220 7.57 9.68 -6.18
N MET A 221 6.95 9.73 -7.36
CA MET A 221 5.76 8.95 -7.65
C MET A 221 6.02 8.00 -8.79
N SER A 222 7.28 7.74 -9.09
CA SER A 222 7.64 6.97 -10.27
C SER A 222 8.82 6.07 -10.03
N THR A 223 9.31 5.50 -11.12
CA THR A 223 10.63 4.91 -11.20
C THR A 223 10.74 3.52 -10.61
N ILE A 224 10.40 3.39 -9.34
CA ILE A 224 10.52 2.09 -8.69
C ILE A 224 9.86 0.93 -9.45
N PRO A 225 8.62 1.12 -9.92
CA PRO A 225 7.98 0.04 -10.68
C PRO A 225 8.83 -0.38 -11.88
N GLU A 226 9.32 0.59 -12.65
CA GLU A 226 10.17 0.26 -13.81
C GLU A 226 11.44 -0.40 -13.35
N VAL A 227 11.99 0.09 -12.23
CA VAL A 227 13.25 -0.44 -11.72
C VAL A 227 13.06 -1.89 -11.31
N VAL A 228 11.92 -2.18 -10.68
CA VAL A 228 11.62 -3.52 -10.22
C VAL A 228 11.49 -4.44 -11.42
N ILE A 229 10.81 -3.97 -12.46
CA ILE A 229 10.70 -4.73 -13.69
C ILE A 229 12.05 -4.89 -14.39
N ALA A 230 12.86 -3.83 -14.38
CA ALA A 230 14.19 -3.91 -14.99
C ALA A 230 15.03 -4.94 -14.25
N ARG A 231 15.05 -4.84 -12.93
CA ARG A 231 15.82 -5.80 -12.15
C ARG A 231 15.29 -7.20 -12.36
N HIS A 232 13.97 -7.36 -12.37
CA HIS A 232 13.35 -8.67 -12.54
C HIS A 232 13.87 -9.37 -13.80
N CYS A 233 13.96 -8.63 -14.91
CA CYS A 233 14.46 -9.23 -16.15
C CYS A 233 15.95 -9.00 -16.35
N GLY A 234 16.65 -8.63 -15.28
CA GLY A 234 18.11 -8.58 -15.29
C GLY A 234 18.73 -7.41 -16.02
N ILE A 235 17.96 -6.33 -16.16
CA ILE A 235 18.52 -5.10 -16.69
C ILE A 235 19.19 -4.37 -15.53
N GLN A 236 20.40 -3.90 -15.74
CA GLN A 236 21.09 -3.15 -14.70
C GLN A 236 20.51 -1.76 -14.65
N VAL A 237 20.45 -1.21 -13.45
CA VAL A 237 19.74 0.06 -13.29
C VAL A 237 20.62 1.17 -12.77
N PHE A 238 20.55 2.30 -13.44
CA PHE A 238 21.04 3.54 -12.87
C PHE A 238 19.87 4.51 -12.79
N ALA A 239 19.69 5.11 -11.63
CA ALA A 239 18.57 6.03 -11.47
C ALA A 239 18.95 7.25 -10.65
N VAL A 240 18.51 8.42 -11.12
CA VAL A 240 18.80 9.65 -10.44
C VAL A 240 17.55 10.45 -10.28
N SER A 241 17.38 10.93 -9.06
CA SER A 241 16.34 11.91 -8.78
C SER A 241 16.96 13.28 -8.88
N LEU A 242 16.31 14.14 -9.64
CA LEU A 242 16.61 15.56 -9.54
C LEU A 242 15.76 16.08 -8.41
N VAL A 243 16.40 16.76 -7.47
CA VAL A 243 15.66 17.38 -6.39
C VAL A 243 14.99 18.62 -6.96
N THR A 244 13.72 18.47 -7.36
CA THR A 244 13.00 19.56 -8.00
C THR A 244 12.29 20.42 -6.98
N ASN A 245 12.34 19.99 -5.72
CA ASN A 245 11.74 20.76 -4.63
C ASN A 245 12.19 20.21 -3.30
N ILE A 246 12.38 21.09 -2.34
CA ILE A 246 12.70 20.69 -0.99
C ILE A 246 11.40 20.36 -0.31
N SER A 247 11.29 19.14 0.19
CA SER A 247 10.07 18.73 0.85
C SER A 247 9.85 19.62 2.05
N VAL A 248 8.62 20.05 2.25
CA VAL A 248 8.25 20.84 3.40
C VAL A 248 7.77 19.91 4.52
N LEU A 249 8.54 19.86 5.59
CA LEU A 249 8.24 19.00 6.73
C LEU A 249 7.43 19.75 7.76
N ASP A 250 7.41 21.07 7.64
CA ASP A 250 6.79 21.93 8.64
C ASP A 250 5.37 22.30 8.21
N VAL A 251 4.39 21.86 8.98
CA VAL A 251 3.00 22.14 8.64
C VAL A 251 2.68 23.63 8.80
N GLU A 252 3.52 24.35 9.53
CA GLU A 252 3.30 25.78 9.72
C GLU A 252 3.84 26.60 8.54
N SER A 253 4.68 25.96 7.73
CA SER A 253 5.35 26.65 6.63
C SER A 253 4.41 27.07 5.50
N ASP A 254 4.72 28.20 4.86
CA ASP A 254 3.99 28.69 3.69
C ASP A 254 4.53 28.00 2.44
N LEU A 255 5.79 27.59 2.50
CA LEU A 255 6.43 26.93 1.36
C LEU A 255 5.64 25.67 1.01
N LYS A 256 5.48 25.43 -0.28
CA LYS A 256 4.76 24.24 -0.74
C LYS A 256 5.31 23.79 -2.07
N PRO A 257 5.12 22.50 -2.41
CA PRO A 257 5.62 22.04 -3.70
C PRO A 257 4.71 22.63 -4.76
N ASN A 258 5.22 22.73 -5.98
CA ASN A 258 4.45 23.33 -7.06
C ASN A 258 4.96 22.70 -8.35
N HIS A 259 4.07 22.04 -9.09
CA HIS A 259 4.50 21.30 -10.27
C HIS A 259 5.18 22.19 -11.30
N GLU A 260 4.65 23.39 -11.49
CA GLU A 260 5.26 24.31 -12.45
C GLU A 260 6.70 24.60 -12.05
N GLU A 261 6.95 24.72 -10.75
CA GLU A 261 8.30 24.95 -10.27
C GLU A 261 9.14 23.70 -10.40
N VAL A 262 8.52 22.56 -10.11
CA VAL A 262 9.15 21.27 -10.34
C VAL A 262 9.60 21.16 -11.79
N LEU A 263 8.70 21.47 -12.71
CA LEU A 263 9.02 21.43 -14.14
C LEU A 263 10.16 22.39 -14.48
N ALA A 264 10.11 23.59 -13.91
CA ALA A 264 11.12 24.59 -14.18
C ALA A 264 12.49 24.13 -13.69
N THR A 265 12.53 23.57 -12.48
CA THR A 265 13.79 23.08 -11.93
C THR A 265 14.36 21.94 -12.76
N GLY A 266 13.50 21.05 -13.22
CA GLY A 266 13.92 19.95 -14.06
C GLY A 266 14.57 20.45 -15.33
N ALA A 267 13.84 21.31 -16.04
CA ALA A 267 14.31 21.88 -17.29
C ALA A 267 15.60 22.65 -17.09
N GLN A 268 15.72 23.34 -15.95
CA GLN A 268 16.91 24.14 -15.70
C GLN A 268 18.13 23.22 -15.61
N ARG A 269 17.91 22.02 -15.08
CA ARG A 269 19.00 21.06 -14.87
C ARG A 269 19.12 20.07 -16.01
N ALA A 270 18.15 20.09 -16.93
CA ALA A 270 18.08 19.11 -18.00
C ALA A 270 19.41 18.97 -18.73
N GLU A 271 19.95 20.09 -19.17
CA GLU A 271 21.18 20.09 -19.94
C GLU A 271 22.32 19.44 -19.17
N LEU A 272 22.43 19.77 -17.89
CA LEU A 272 23.46 19.18 -17.06
C LEU A 272 23.21 17.68 -16.94
N MET A 273 21.95 17.31 -16.72
CA MET A 273 21.56 15.92 -16.61
C MET A 273 21.90 15.19 -17.90
N GLN A 274 21.54 15.81 -19.02
CA GLN A 274 21.86 15.25 -20.33
C GLN A 274 23.35 14.99 -20.46
N SER A 275 24.14 16.03 -20.23
CA SER A 275 25.60 15.92 -20.28
C SER A 275 26.09 14.76 -19.41
N TRP A 276 25.64 14.74 -18.16
CA TRP A 276 26.00 13.71 -17.21
C TRP A 276 25.70 12.30 -17.76
N PHE A 277 24.46 12.09 -18.19
CA PHE A 277 24.05 10.80 -18.74
C PHE A 277 24.91 10.47 -19.96
N GLU A 278 25.17 11.46 -20.80
CA GLU A 278 25.98 11.25 -21.99
C GLU A 278 27.39 10.84 -21.62
N LYS A 279 27.96 11.52 -20.63
CA LYS A 279 29.33 11.26 -20.22
C LYS A 279 29.41 9.95 -19.45
N ILE A 280 28.34 9.59 -18.76
CA ILE A 280 28.25 8.29 -18.15
C ILE A 280 28.26 7.21 -19.22
N ILE A 281 27.40 7.36 -20.22
CA ILE A 281 27.28 6.38 -21.28
C ILE A 281 28.62 6.28 -22.02
N GLU A 282 29.29 7.41 -22.10
CA GLU A 282 30.62 7.49 -22.71
C GLU A 282 31.60 6.53 -22.04
N LYS A 283 31.55 6.48 -20.72
CA LYS A 283 32.51 5.67 -19.94
C LYS A 283 32.04 4.25 -19.64
N LEU A 284 30.85 3.89 -20.09
CA LEU A 284 30.39 2.52 -19.91
C LEU A 284 31.32 1.57 -20.63
N PRO A 285 31.69 0.46 -19.97
CA PRO A 285 32.47 -0.60 -20.60
C PRO A 285 31.88 -1.03 -21.94
N LYS A 286 32.71 -1.08 -22.97
CA LYS A 286 32.33 -1.66 -24.25
C LYS A 286 32.98 -3.03 -24.34
N ASP A 287 32.16 -4.07 -24.55
CA ASP A 287 32.68 -5.40 -24.78
C ASP A 287 33.04 -5.55 -26.26
N SER B 4 -17.93 3.84 -9.56
CA SER B 4 -19.01 3.50 -10.49
C SER B 4 -19.18 4.59 -11.55
N VAL B 5 -19.66 5.75 -11.12
CA VAL B 5 -19.79 6.90 -12.01
C VAL B 5 -18.58 7.82 -11.88
N THR B 6 -17.83 7.97 -12.96
CA THR B 6 -16.63 8.80 -12.96
C THR B 6 -16.92 10.19 -12.39
N ALA B 7 -16.15 10.57 -11.37
CA ALA B 7 -16.35 11.87 -10.71
C ALA B 7 -15.75 13.01 -11.54
N ASN B 8 -16.16 13.10 -12.81
CA ASN B 8 -15.72 14.19 -13.65
C ASN B 8 -16.72 15.34 -13.60
N ILE B 9 -16.36 16.46 -14.21
CA ILE B 9 -17.21 17.63 -14.16
C ILE B 9 -18.62 17.36 -14.73
N GLU B 10 -18.70 16.55 -15.78
CA GLU B 10 -19.99 16.29 -16.41
C GLU B 10 -20.93 15.49 -15.52
N ASN B 11 -20.41 14.45 -14.89
CA ASN B 11 -21.22 13.62 -14.00
C ASN B 11 -21.55 14.33 -12.69
N VAL B 12 -20.57 15.05 -12.15
CA VAL B 12 -20.77 15.79 -10.92
C VAL B 12 -21.71 16.96 -11.16
N LYS B 13 -21.60 17.57 -12.34
CA LYS B 13 -22.47 18.66 -12.73
C LYS B 13 -23.90 18.14 -12.81
N LYS B 14 -24.05 16.93 -13.34
CA LYS B 14 -25.37 16.32 -13.46
C LYS B 14 -26.02 16.12 -12.11
N VAL B 15 -25.29 15.50 -11.18
CA VAL B 15 -25.81 15.27 -9.84
C VAL B 15 -26.12 16.58 -9.14
N ALA B 16 -25.20 17.54 -9.24
CA ALA B 16 -25.37 18.83 -8.57
C ALA B 16 -26.55 19.60 -9.15
N HIS B 17 -26.69 19.58 -10.47
CA HIS B 17 -27.81 20.23 -11.12
C HIS B 17 -29.12 19.63 -10.65
N HIS B 18 -29.14 18.31 -10.52
CA HIS B 18 -30.34 17.64 -10.04
C HIS B 18 -30.67 18.11 -8.64
N ILE B 19 -29.70 18.00 -7.74
CA ILE B 19 -29.89 18.42 -6.36
C ILE B 19 -30.39 19.86 -6.30
N GLN B 20 -29.90 20.69 -7.23
CA GLN B 20 -30.27 22.09 -7.24
C GLN B 20 -31.74 22.33 -7.62
N LYS B 21 -32.37 21.30 -8.20
CA LYS B 21 -33.81 21.36 -8.41
C LYS B 21 -34.51 20.96 -7.12
N LEU B 22 -33.89 20.04 -6.39
CA LEU B 22 -34.46 19.53 -5.14
C LEU B 22 -34.40 20.55 -4.01
N THR B 23 -33.59 21.58 -4.17
CA THR B 23 -33.43 22.58 -3.12
C THR B 23 -32.87 23.89 -3.67
N SER B 24 -33.21 24.99 -3.00
CA SER B 24 -32.73 26.31 -3.38
C SER B 24 -31.53 26.69 -2.53
N ILE B 25 -31.33 25.93 -1.46
CA ILE B 25 -30.26 26.19 -0.51
C ILE B 25 -28.89 25.98 -1.16
N VAL B 26 -28.17 27.08 -1.37
CA VAL B 26 -26.79 27.02 -1.82
C VAL B 26 -25.90 26.95 -0.59
N PRO B 27 -25.43 25.73 -0.27
CA PRO B 27 -24.61 25.56 0.93
C PRO B 27 -23.25 26.18 0.72
N GLU B 28 -22.73 26.85 1.75
CA GLU B 28 -21.40 27.43 1.68
C GLU B 28 -20.49 26.53 2.50
N ILE B 29 -21.09 25.74 3.37
CA ILE B 29 -20.36 24.85 4.24
C ILE B 29 -20.84 23.43 4.08
N GLY B 30 -19.90 22.51 3.85
CA GLY B 30 -20.20 21.10 3.78
C GLY B 30 -19.84 20.46 5.10
N ILE B 31 -20.68 19.53 5.56
CA ILE B 31 -20.46 18.89 6.84
C ILE B 31 -20.69 17.40 6.72
N ILE B 32 -19.64 16.64 7.01
CA ILE B 32 -19.73 15.20 7.05
C ILE B 32 -19.53 14.77 8.50
N CYS B 33 -20.59 14.27 9.12
CA CYS B 33 -20.51 13.85 10.52
C CYS B 33 -20.06 12.40 10.64
N GLY B 34 -19.07 12.16 11.50
CA GLY B 34 -18.55 10.83 11.73
C GLY B 34 -19.37 10.08 12.77
N GLY B 43 -31.06 19.09 13.83
CA GLY B 43 -30.52 20.25 14.51
C GLY B 43 -30.41 21.49 13.63
N VAL B 44 -30.32 21.29 12.32
CA VAL B 44 -30.20 22.41 11.40
C VAL B 44 -31.58 23.00 11.10
N LYS B 45 -31.62 24.32 10.95
CA LYS B 45 -32.89 25.03 10.81
C LYS B 45 -33.35 25.13 9.35
N ASP B 46 -34.67 25.16 9.15
CA ASP B 46 -35.26 25.26 7.82
C ASP B 46 -34.66 24.20 6.89
N LYS B 47 -34.62 22.97 7.37
CA LYS B 47 -33.89 21.91 6.68
C LYS B 47 -34.67 21.25 5.55
N ILE B 48 -33.92 20.80 4.55
CA ILE B 48 -34.45 19.98 3.46
C ILE B 48 -33.64 18.70 3.43
N THR B 49 -34.30 17.57 3.69
CA THR B 49 -33.62 16.29 3.76
C THR B 49 -33.77 15.52 2.44
N ILE B 50 -32.68 15.44 1.68
CA ILE B 50 -32.68 14.73 0.41
C ILE B 50 -31.93 13.40 0.52
N PRO B 51 -32.68 12.29 0.58
CA PRO B 51 -32.08 10.95 0.64
C PRO B 51 -31.21 10.66 -0.59
N TYR B 52 -30.06 10.02 -0.39
CA TYR B 52 -29.19 9.70 -1.51
C TYR B 52 -29.96 8.93 -2.58
N THR B 53 -30.88 8.07 -2.12
CA THR B 53 -31.68 7.25 -3.01
C THR B 53 -32.43 8.09 -4.04
N LYS B 54 -32.72 9.33 -3.67
CA LYS B 54 -33.46 10.24 -4.52
C LYS B 54 -32.56 10.83 -5.60
N ILE B 55 -31.25 10.79 -5.37
CA ILE B 55 -30.30 11.44 -6.26
C ILE B 55 -29.69 10.47 -7.27
N PRO B 56 -29.91 10.74 -8.57
CA PRO B 56 -29.40 9.90 -9.66
C PRO B 56 -27.88 10.00 -9.73
N ASN B 57 -27.22 8.89 -10.05
CA ASN B 57 -25.77 8.87 -10.19
C ASN B 57 -25.02 9.38 -8.96
N PHE B 58 -25.75 9.58 -7.87
CA PHE B 58 -25.12 9.89 -6.59
C PHE B 58 -24.85 8.57 -5.88
N PRO B 59 -23.73 8.50 -5.15
CA PRO B 59 -23.37 7.25 -4.45
C PRO B 59 -24.46 6.83 -3.46
N GLN B 60 -24.61 5.53 -3.27
CA GLN B 60 -25.67 5.01 -2.42
C GLN B 60 -25.07 4.21 -1.26
N THR B 61 -25.53 4.51 -0.05
CA THR B 61 -25.05 3.81 1.14
C THR B 61 -25.50 2.35 1.17
N SER B 67 -30.77 4.40 5.24
CA SER B 67 -30.01 4.88 4.09
C SER B 67 -29.68 6.36 4.20
N GLY B 68 -28.55 6.75 3.62
CA GLY B 68 -28.02 8.09 3.77
C GLY B 68 -28.89 9.24 3.28
N ASN B 69 -28.60 10.43 3.81
CA ASN B 69 -29.30 11.65 3.44
C ASN B 69 -28.35 12.83 3.24
N LEU B 70 -28.75 13.74 2.36
CA LEU B 70 -28.05 15.00 2.18
C LEU B 70 -28.92 16.11 2.78
N ILE B 71 -28.59 16.54 3.99
CA ILE B 71 -29.43 17.52 4.68
C ILE B 71 -28.99 18.95 4.39
N PHE B 72 -29.86 19.71 3.72
CA PHE B 72 -29.60 21.11 3.47
C PHE B 72 -30.35 21.98 4.46
N GLY B 73 -29.81 23.15 4.74
CA GLY B 73 -30.49 24.07 5.63
C GLY B 73 -29.58 25.14 6.15
N THR B 74 -29.93 25.68 7.32
CA THR B 74 -29.18 26.77 7.90
C THR B 74 -28.72 26.40 9.30
N LEU B 75 -27.46 26.66 9.58
CA LEU B 75 -26.87 26.29 10.84
C LEU B 75 -26.06 27.50 11.29
N SER B 76 -26.35 27.98 12.50
CA SER B 76 -25.71 29.20 12.97
C SER B 76 -25.72 30.25 11.88
N GLY B 77 -26.90 30.47 11.30
CA GLY B 77 -27.10 31.50 10.30
C GLY B 77 -26.27 31.32 9.04
N ARG B 78 -25.87 30.09 8.75
CA ARG B 78 -25.13 29.80 7.53
C ARG B 78 -25.79 28.69 6.75
N LYS B 79 -25.72 28.75 5.42
CA LYS B 79 -26.26 27.69 4.59
C LYS B 79 -25.32 26.50 4.62
N VAL B 80 -25.82 25.36 5.05
CA VAL B 80 -24.98 24.17 5.14
C VAL B 80 -25.60 23.00 4.40
N VAL B 81 -24.74 22.10 3.96
CA VAL B 81 -25.20 20.80 3.49
C VAL B 81 -24.52 19.77 4.37
N VAL B 82 -25.30 18.89 4.94
CA VAL B 82 -24.77 17.85 5.80
C VAL B 82 -24.82 16.53 5.07
N MET B 83 -23.72 15.80 5.07
CA MET B 83 -23.72 14.44 4.54
C MET B 83 -24.00 13.47 5.65
N GLN B 84 -25.18 12.87 5.61
CA GLN B 84 -25.53 11.80 6.54
C GLN B 84 -25.47 10.51 5.75
N GLY B 85 -24.47 9.68 6.05
CA GLY B 85 -24.20 8.53 5.22
C GLY B 85 -22.88 8.77 4.51
N ARG B 86 -21.86 8.04 4.95
CA ARG B 86 -20.51 8.28 4.47
C ARG B 86 -20.05 7.14 3.59
N PHE B 87 -19.06 7.39 2.77
CA PHE B 87 -18.55 6.37 1.85
C PHE B 87 -17.10 6.03 2.17
N HIS B 88 -16.91 4.94 2.89
CA HIS B 88 -15.58 4.56 3.34
C HIS B 88 -14.94 3.61 2.35
N MET B 89 -13.63 3.75 2.20
CA MET B 89 -12.87 2.90 1.27
C MET B 89 -12.96 1.43 1.65
N TYR B 90 -12.99 1.14 2.95
CA TYR B 90 -12.99 -0.25 3.39
C TYR B 90 -14.28 -0.97 3.00
N GLU B 91 -15.31 -0.21 2.68
CA GLU B 91 -16.56 -0.81 2.21
C GLU B 91 -16.42 -1.27 0.77
N GLY B 92 -15.37 -0.82 0.10
CA GLY B 92 -15.14 -1.20 -1.28
C GLY B 92 -15.53 -0.13 -2.27
N TYR B 93 -16.02 1.00 -1.76
CA TYR B 93 -16.38 2.12 -2.62
C TYR B 93 -15.17 2.57 -3.43
N SER B 94 -15.37 2.85 -4.71
CA SER B 94 -14.30 3.27 -5.60
C SER B 94 -13.84 4.69 -5.26
N ASN B 95 -12.74 5.10 -5.90
CA ASN B 95 -12.22 6.44 -5.75
C ASN B 95 -13.25 7.48 -6.19
N ASP B 96 -13.88 7.22 -7.34
CA ASP B 96 -14.86 8.15 -7.89
C ASP B 96 -16.08 8.25 -7.01
N THR B 97 -16.56 7.12 -6.52
CA THR B 97 -17.71 7.10 -5.63
C THR B 97 -17.48 8.01 -4.42
N VAL B 98 -16.31 7.87 -3.78
CA VAL B 98 -16.02 8.65 -2.59
C VAL B 98 -15.79 10.12 -2.94
N ALA B 99 -15.21 10.37 -4.10
CA ALA B 99 -14.93 11.74 -4.54
C ALA B 99 -16.19 12.50 -4.88
N LEU B 100 -17.12 11.82 -5.53
CA LEU B 100 -18.25 12.50 -6.15
C LEU B 100 -19.02 13.43 -5.19
N PRO B 101 -19.39 12.92 -4.00
CA PRO B 101 -20.14 13.82 -3.12
C PRO B 101 -19.38 15.10 -2.83
N ILE B 102 -18.07 15.00 -2.61
CA ILE B 102 -17.28 16.17 -2.26
C ILE B 102 -17.26 17.17 -3.42
N ARG B 103 -17.10 16.65 -4.63
CA ARG B 103 -17.09 17.49 -5.81
C ARG B 103 -18.47 18.08 -6.08
N VAL B 104 -19.51 17.35 -5.70
CA VAL B 104 -20.85 17.89 -5.79
C VAL B 104 -20.95 19.08 -4.85
N MET B 105 -20.49 18.91 -3.62
CA MET B 105 -20.46 20.01 -2.67
C MET B 105 -19.79 21.24 -3.30
N LYS B 106 -18.71 20.99 -4.03
CA LYS B 106 -18.00 22.05 -4.70
C LYS B 106 -18.92 22.80 -5.66
N LEU B 107 -19.62 22.05 -6.51
CA LEU B 107 -20.51 22.65 -7.50
C LEU B 107 -21.72 23.31 -6.83
N LEU B 108 -22.12 22.80 -5.68
CA LEU B 108 -23.26 23.34 -4.97
C LEU B 108 -22.92 24.65 -4.27
N GLY B 109 -21.63 24.91 -4.08
CA GLY B 109 -21.19 26.16 -3.52
C GLY B 109 -20.36 26.01 -2.26
N VAL B 110 -20.19 24.77 -1.80
CA VAL B 110 -19.43 24.52 -0.58
C VAL B 110 -18.04 25.10 -0.69
N LYS B 111 -17.69 25.96 0.26
CA LYS B 111 -16.36 26.56 0.26
C LYS B 111 -15.57 25.96 1.42
N ILE B 112 -16.29 25.50 2.42
CA ILE B 112 -15.67 24.96 3.61
C ILE B 112 -16.26 23.60 3.92
N LEU B 113 -15.40 22.62 4.15
CA LEU B 113 -15.84 21.29 4.51
C LEU B 113 -15.42 21.00 5.93
N MET B 114 -16.40 20.70 6.77
CA MET B 114 -16.11 20.36 8.15
C MET B 114 -16.41 18.89 8.31
N VAL B 115 -15.42 18.15 8.79
CA VAL B 115 -15.55 16.71 8.93
C VAL B 115 -15.20 16.30 10.33
N SER B 116 -16.02 15.42 10.89
CA SER B 116 -15.68 14.79 12.15
C SER B 116 -15.55 13.31 11.87
N ASN B 117 -14.73 12.64 12.67
CA ASN B 117 -14.63 11.20 12.58
C ASN B 117 -14.30 10.62 13.94
N ALA B 118 -14.40 9.30 14.06
CA ALA B 118 -13.95 8.59 15.23
C ALA B 118 -12.55 8.10 14.94
N ALA B 119 -11.67 8.19 15.92
CA ALA B 119 -10.30 7.73 15.74
C ALA B 119 -9.76 7.09 17.00
N GLY B 120 -8.81 6.18 16.83
CA GLY B 120 -8.08 5.65 17.95
C GLY B 120 -6.99 6.64 18.29
N GLY B 121 -6.79 6.88 19.58
CA GLY B 121 -5.79 7.82 20.02
C GLY B 121 -4.43 7.15 20.16
N LEU B 122 -3.50 7.54 19.31
CA LEU B 122 -2.16 6.99 19.36
C LEU B 122 -1.33 7.74 20.37
N ASN B 123 -1.32 9.06 20.21
CA ASN B 123 -0.62 9.95 21.13
C ASN B 123 -1.00 9.62 22.56
N ARG B 124 0.00 9.37 23.39
CA ARG B 124 -0.21 8.88 24.75
C ARG B 124 -0.80 9.92 25.69
N SER B 125 -0.95 11.16 25.22
CA SER B 125 -1.52 12.21 26.05
C SER B 125 -2.99 12.42 25.72
N LEU B 126 -3.52 11.59 24.83
CA LEU B 126 -4.93 11.66 24.49
C LEU B 126 -5.76 10.82 25.45
N LYS B 127 -7.04 11.19 25.60
CA LYS B 127 -7.93 10.47 26.49
C LYS B 127 -9.26 10.25 25.78
N LEU B 128 -9.99 9.22 26.17
CA LEU B 128 -11.30 8.98 25.59
C LEU B 128 -12.08 10.29 25.56
N GLY B 129 -12.76 10.54 24.46
CA GLY B 129 -13.60 11.71 24.34
C GLY B 129 -12.85 12.96 23.93
N ASP B 130 -11.52 12.87 23.85
CA ASP B 130 -10.74 14.01 23.41
C ASP B 130 -11.08 14.37 21.97
N PHE B 131 -10.99 15.65 21.65
CA PHE B 131 -11.12 16.12 20.27
C PHE B 131 -9.74 16.38 19.74
N VAL B 132 -9.40 15.73 18.63
CA VAL B 132 -8.14 15.99 17.97
C VAL B 132 -8.41 16.62 16.62
N ILE B 133 -8.30 17.94 16.58
CA ILE B 133 -8.38 18.66 15.32
C ILE B 133 -7.24 18.16 14.45
N LEU B 134 -7.55 17.78 13.23
CA LEU B 134 -6.49 17.38 12.31
C LEU B 134 -5.74 18.62 11.87
N LYS B 135 -4.44 18.66 12.10
CA LYS B 135 -3.62 19.72 11.52
C LYS B 135 -2.82 19.15 10.36
N ASP B 136 -2.79 17.83 10.27
CA ASP B 136 -2.12 17.21 9.13
C ASP B 136 -2.51 15.74 9.09
N HIS B 137 -2.14 15.05 8.03
CA HIS B 137 -2.47 13.65 7.94
C HIS B 137 -1.38 12.87 7.24
N ILE B 138 -1.40 11.57 7.48
CA ILE B 138 -0.57 10.64 6.75
C ILE B 138 -1.54 9.70 6.06
N TYR B 139 -1.51 9.75 4.74
CA TYR B 139 -2.47 9.05 3.91
C TYR B 139 -1.82 7.74 3.50
N LEU B 140 -1.90 6.75 4.38
CA LEU B 140 -1.16 5.52 4.13
C LEU B 140 -1.57 4.89 2.79
N PRO B 141 -2.88 4.72 2.57
CA PRO B 141 -3.33 4.19 1.27
C PRO B 141 -2.84 5.08 0.12
N GLY B 142 -2.88 6.39 0.33
CA GLY B 142 -2.40 7.31 -0.69
C GLY B 142 -0.94 7.06 -1.04
N LEU B 143 -0.11 6.89 -0.03
CA LEU B 143 1.31 6.65 -0.27
C LEU B 143 1.50 5.32 -0.98
N GLY B 144 0.58 4.39 -0.72
CA GLY B 144 0.73 3.04 -1.21
C GLY B 144 0.00 2.77 -2.50
N LEU B 145 -0.30 3.85 -3.22
CA LEU B 145 -0.87 3.77 -4.57
C LEU B 145 -2.39 3.60 -4.56
N ASN B 146 -3.00 3.81 -3.40
CA ASN B 146 -4.45 3.88 -3.30
C ASN B 146 -4.95 5.29 -3.01
N ASN B 147 -4.23 6.29 -3.50
CA ASN B 147 -4.68 7.67 -3.38
C ASN B 147 -5.99 7.82 -4.15
N ILE B 148 -6.96 8.50 -3.56
CA ILE B 148 -8.26 8.69 -4.20
C ILE B 148 -8.12 9.39 -5.55
N LEU B 149 -7.01 10.09 -5.75
CA LEU B 149 -6.80 10.85 -6.98
C LEU B 149 -6.11 10.06 -8.09
N VAL B 150 -5.76 8.81 -7.81
CA VAL B 150 -5.14 7.97 -8.83
C VAL B 150 -6.09 7.84 -10.01
N GLY B 151 -5.54 7.85 -11.22
CA GLY B 151 -6.37 7.81 -12.42
C GLY B 151 -6.30 9.14 -13.11
N PRO B 152 -6.97 9.27 -14.27
CA PRO B 152 -6.96 10.56 -14.98
C PRO B 152 -7.39 11.68 -14.05
N ASN B 153 -6.63 12.77 -14.05
CA ASN B 153 -7.00 13.91 -13.25
C ASN B 153 -8.21 14.64 -13.85
N GLN B 154 -9.19 14.92 -13.01
CA GLN B 154 -10.35 15.68 -13.44
C GLN B 154 -10.00 17.16 -13.38
N GLU B 155 -9.52 17.68 -14.50
CA GLU B 155 -8.90 18.99 -14.57
C GLU B 155 -9.87 20.11 -14.19
N ALA B 156 -11.15 19.90 -14.43
CA ALA B 156 -12.15 20.89 -14.06
C ALA B 156 -12.13 21.16 -12.56
N PHE B 157 -11.81 20.13 -11.78
CA PHE B 157 -11.86 20.25 -10.32
C PHE B 157 -10.55 20.71 -9.70
N GLY B 158 -9.43 20.26 -10.26
CA GLY B 158 -8.14 20.59 -9.68
C GLY B 158 -6.94 20.14 -10.47
N THR B 159 -5.77 20.44 -9.94
CA THR B 159 -4.52 20.19 -10.64
C THR B 159 -4.12 18.72 -10.52
N ARG B 160 -3.28 18.25 -11.44
CA ARG B 160 -2.83 16.88 -11.45
C ARG B 160 -2.14 16.50 -10.14
N PHE B 161 -1.26 17.37 -9.66
CA PHE B 161 -0.51 17.12 -8.44
C PHE B 161 -0.82 18.14 -7.36
N PRO B 162 -1.90 17.92 -6.61
CA PRO B 162 -2.22 18.91 -5.58
C PRO B 162 -1.18 18.91 -4.47
N ALA B 163 -0.79 20.10 -4.03
CA ALA B 163 -0.07 20.22 -2.78
C ALA B 163 -1.09 20.05 -1.67
N LEU B 164 -0.65 19.52 -0.55
CA LEU B 164 -1.53 19.37 0.59
C LEU B 164 -1.04 20.32 1.68
N SER B 165 -0.55 21.47 1.23
CA SER B 165 -0.04 22.50 2.12
C SER B 165 -1.22 23.19 2.80
N ASN B 166 -1.15 23.32 4.11
CA ASN B 166 -2.23 23.92 4.87
C ASN B 166 -3.55 23.24 4.52
N ALA B 167 -3.49 21.93 4.33
CA ALA B 167 -4.65 21.15 3.98
C ALA B 167 -5.73 21.32 5.04
N TYR B 168 -5.31 21.32 6.30
CA TYR B 168 -6.24 21.55 7.40
C TYR B 168 -6.10 22.99 7.81
N ASP B 169 -6.86 23.82 7.12
CA ASP B 169 -6.72 25.27 7.19
C ASP B 169 -6.36 25.74 8.60
N ARG B 170 -5.16 26.28 8.75
CA ARG B 170 -4.71 26.76 10.06
C ARG B 170 -5.67 27.79 10.66
N ASP B 171 -6.26 28.62 9.82
CA ASP B 171 -7.18 29.65 10.31
C ASP B 171 -8.42 29.01 10.91
N LEU B 172 -8.93 27.98 10.24
CA LEU B 172 -10.11 27.28 10.76
C LEU B 172 -9.77 26.55 12.05
N ARG B 173 -8.55 26.01 12.13
CA ARG B 173 -8.11 25.29 13.32
C ARG B 173 -7.98 26.28 14.48
N LYS B 174 -7.35 27.41 14.20
CA LYS B 174 -7.24 28.51 15.15
C LYS B 174 -8.61 28.89 15.69
N LEU B 175 -9.58 29.04 14.79
CA LEU B 175 -10.93 29.42 15.16
C LEU B 175 -11.63 28.34 15.98
N ALA B 176 -11.46 27.09 15.57
CA ALA B 176 -12.07 25.98 16.29
C ALA B 176 -11.55 25.95 17.73
N VAL B 177 -10.25 26.09 17.88
CA VAL B 177 -9.64 26.10 19.21
C VAL B 177 -10.22 27.24 20.04
N GLN B 178 -10.23 28.44 19.46
CA GLN B 178 -10.79 29.61 20.13
C GLN B 178 -12.21 29.33 20.57
N VAL B 179 -13.02 28.77 19.67
CA VAL B 179 -14.40 28.47 20.01
C VAL B 179 -14.47 27.49 21.18
N ALA B 180 -13.67 26.43 21.11
CA ALA B 180 -13.60 25.47 22.20
C ALA B 180 -13.11 26.15 23.48
N GLU B 181 -12.08 26.97 23.34
CA GLU B 181 -11.47 27.66 24.47
C GLU B 181 -12.48 28.56 25.15
N GLU B 182 -13.24 29.31 24.34
CA GLU B 182 -14.20 30.28 24.85
C GLU B 182 -15.41 29.60 25.45
N ASN B 183 -15.66 28.36 25.06
CA ASN B 183 -16.83 27.64 25.55
C ASN B 183 -16.50 26.62 26.63
N GLY B 184 -15.32 26.76 27.22
CA GLY B 184 -14.96 25.98 28.40
C GLY B 184 -14.54 24.55 28.16
N PHE B 185 -14.56 24.08 26.91
CA PHE B 185 -14.06 22.74 26.63
C PHE B 185 -12.75 22.76 25.84
N GLY B 186 -11.96 23.81 26.06
CA GLY B 186 -10.67 23.95 25.42
C GLY B 186 -9.69 22.88 25.90
N ASN B 187 -9.98 22.31 27.06
CA ASN B 187 -9.15 21.26 27.63
C ASN B 187 -9.26 19.96 26.85
N LEU B 188 -10.35 19.81 26.10
CA LEU B 188 -10.63 18.59 25.36
C LEU B 188 -9.95 18.60 24.01
N VAL B 189 -9.58 19.79 23.56
CA VAL B 189 -9.12 19.95 22.18
C VAL B 189 -7.62 19.85 22.04
N HIS B 190 -7.20 18.92 21.19
CA HIS B 190 -5.82 18.81 20.78
C HIS B 190 -5.78 19.02 19.29
N GLN B 191 -4.57 19.13 18.74
CA GLN B 191 -4.37 19.15 17.31
C GLN B 191 -3.32 18.12 17.05
N GLY B 192 -3.48 17.36 15.97
CA GLY B 192 -2.55 16.29 15.73
C GLY B 192 -2.59 15.79 14.31
N VAL B 193 -1.76 14.78 14.06
CA VAL B 193 -1.68 14.16 12.77
C VAL B 193 -2.57 12.94 12.75
N TYR B 194 -3.42 12.89 11.75
CA TYR B 194 -4.33 11.78 11.55
C TYR B 194 -3.72 10.87 10.51
N VAL B 195 -3.60 9.59 10.83
CA VAL B 195 -3.12 8.65 9.83
C VAL B 195 -4.27 7.76 9.43
N MET B 196 -4.42 7.56 8.12
CA MET B 196 -5.47 6.68 7.65
C MET B 196 -5.00 5.24 7.54
N ASN B 197 -5.67 4.37 8.26
CA ASN B 197 -5.59 2.94 8.04
C ASN B 197 -6.77 2.58 7.15
N GLY B 198 -6.49 2.07 5.94
CA GLY B 198 -7.55 1.71 5.01
C GLY B 198 -8.62 0.87 5.67
N GLY B 199 -8.23 0.05 6.64
CA GLY B 199 -9.19 -0.73 7.40
C GLY B 199 -9.63 -1.95 6.61
N PRO B 200 -10.66 -2.65 7.10
CA PRO B 200 -11.49 -2.22 8.22
C PRO B 200 -11.06 -2.79 9.58
N CYS B 201 -9.93 -3.48 9.62
CA CYS B 201 -9.41 -3.95 10.90
C CYS B 201 -8.97 -2.80 11.78
N TYR B 202 -9.22 -2.91 13.07
CA TYR B 202 -8.58 -2.00 13.99
C TYR B 202 -7.09 -2.34 13.97
N GLU B 203 -6.27 -1.36 14.33
CA GLU B 203 -4.81 -1.53 14.29
C GLU B 203 -4.33 -2.45 15.39
N THR B 204 -3.40 -3.35 15.03
CA THR B 204 -2.74 -4.17 16.04
C THR B 204 -1.91 -3.25 16.93
N PRO B 205 -1.54 -3.75 18.12
CA PRO B 205 -0.61 -3.00 18.96
C PRO B 205 0.67 -2.65 18.20
N ALA B 206 1.18 -3.57 17.39
CA ALA B 206 2.40 -3.29 16.64
C ALA B 206 2.16 -2.18 15.64
N GLU B 207 1.01 -2.22 14.98
CA GLU B 207 0.68 -1.19 14.02
C GLU B 207 0.54 0.15 14.72
N CYS B 208 -0.12 0.17 15.87
CA CYS B 208 -0.30 1.42 16.60
C CYS B 208 1.06 1.98 17.01
N THR B 209 1.93 1.11 17.51
CA THR B 209 3.26 1.55 17.91
C THR B 209 3.98 2.15 16.71
N MET B 210 3.95 1.43 15.58
CA MET B 210 4.55 1.94 14.36
C MET B 210 3.95 3.29 14.00
N LEU B 211 2.62 3.38 14.05
CA LEU B 211 1.95 4.61 13.64
C LEU B 211 2.30 5.78 14.56
N LEU B 212 2.37 5.50 15.86
CA LEU B 212 2.72 6.52 16.82
C LEU B 212 4.11 7.01 16.45
N ASN B 213 5.02 6.09 16.23
CA ASN B 213 6.39 6.43 15.93
C ASN B 213 6.57 7.11 14.58
N MET B 214 5.58 6.97 13.71
CA MET B 214 5.59 7.68 12.44
C MET B 214 5.19 9.14 12.68
N GLY B 215 4.86 9.45 13.94
CA GLY B 215 4.44 10.80 14.27
C GLY B 215 2.95 11.01 14.13
N CYS B 216 2.21 9.90 14.25
CA CYS B 216 0.75 9.96 14.17
C CYS B 216 0.16 10.11 15.56
N ASP B 217 -0.91 10.90 15.64
CA ASP B 217 -1.57 11.16 16.92
C ASP B 217 -2.86 10.39 17.04
N VAL B 218 -3.60 10.30 15.94
CA VAL B 218 -4.82 9.52 15.91
C VAL B 218 -4.84 8.72 14.63
N VAL B 219 -5.56 7.61 14.64
CA VAL B 219 -5.66 6.76 13.46
C VAL B 219 -7.11 6.43 13.21
N GLY B 220 -7.53 6.56 11.96
CA GLY B 220 -8.88 6.20 11.58
C GLY B 220 -8.89 5.61 10.19
N MET B 221 -10.09 5.33 9.69
CA MET B 221 -10.23 4.64 8.41
C MET B 221 -10.93 5.50 7.38
N SER B 222 -11.05 6.79 7.69
CA SER B 222 -11.84 7.66 6.83
C SER B 222 -11.18 9.02 6.62
N THR B 223 -11.96 9.93 6.05
CA THR B 223 -11.67 11.35 6.06
C THR B 223 -10.62 11.80 5.05
N ILE B 224 -9.42 11.24 5.13
CA ILE B 224 -8.36 11.66 4.24
C ILE B 224 -8.79 11.71 2.77
N PRO B 225 -9.44 10.63 2.28
CA PRO B 225 -9.80 10.67 0.85
C PRO B 225 -10.68 11.89 0.53
N GLU B 226 -11.62 12.18 1.41
CA GLU B 226 -12.49 13.34 1.24
C GLU B 226 -11.68 14.63 1.28
N VAL B 227 -10.81 14.75 2.27
CA VAL B 227 -9.98 15.92 2.42
C VAL B 227 -9.15 16.16 1.15
N VAL B 228 -8.54 15.10 0.66
CA VAL B 228 -7.76 15.19 -0.56
C VAL B 228 -8.63 15.73 -1.71
N ILE B 229 -9.82 15.19 -1.86
CA ILE B 229 -10.72 15.64 -2.92
C ILE B 229 -11.11 17.09 -2.70
N ALA B 230 -11.44 17.43 -1.46
CA ALA B 230 -11.82 18.79 -1.09
C ALA B 230 -10.71 19.75 -1.41
N ARG B 231 -9.49 19.44 -0.97
CA ARG B 231 -8.36 20.32 -1.20
C ARG B 231 -8.08 20.41 -2.70
N HIS B 232 -8.25 19.28 -3.38
CA HIS B 232 -7.99 19.23 -4.81
C HIS B 232 -8.86 20.25 -5.54
N CYS B 233 -10.10 20.40 -5.11
CA CYS B 233 -10.99 21.34 -5.77
C CYS B 233 -11.12 22.67 -5.01
N GLY B 234 -10.24 22.90 -4.04
CA GLY B 234 -10.15 24.20 -3.40
C GLY B 234 -11.16 24.47 -2.29
N ILE B 235 -11.70 23.41 -1.72
CA ILE B 235 -12.55 23.54 -0.55
C ILE B 235 -11.67 23.53 0.69
N GLN B 236 -11.79 24.57 1.51
CA GLN B 236 -11.05 24.61 2.76
C GLN B 236 -11.60 23.51 3.65
N VAL B 237 -10.71 22.91 4.43
CA VAL B 237 -11.09 21.77 5.24
C VAL B 237 -10.89 22.02 6.72
N PHE B 238 -11.91 21.66 7.49
CA PHE B 238 -11.78 21.53 8.91
C PHE B 238 -12.15 20.11 9.30
N ALA B 239 -11.30 19.46 10.07
CA ALA B 239 -11.51 18.06 10.42
C ALA B 239 -11.10 17.77 11.85
N VAL B 240 -11.95 17.06 12.58
CA VAL B 240 -11.65 16.72 13.95
C VAL B 240 -11.94 15.27 14.20
N SER B 241 -10.99 14.59 14.84
CA SER B 241 -11.23 13.25 15.31
C SER B 241 -11.69 13.32 16.76
N LEU B 242 -12.71 12.53 17.07
CA LEU B 242 -13.07 12.27 18.44
C LEU B 242 -12.36 10.98 18.81
N VAL B 243 -11.56 11.01 19.87
CA VAL B 243 -10.89 9.79 20.31
C VAL B 243 -11.90 8.85 20.98
N THR B 244 -12.35 7.87 20.22
CA THR B 244 -13.38 6.95 20.70
C THR B 244 -12.75 5.68 21.25
N ASN B 245 -11.43 5.62 21.20
CA ASN B 245 -10.71 4.51 21.80
C ASN B 245 -9.24 4.87 21.93
N ILE B 246 -8.62 4.38 23.00
CA ILE B 246 -7.20 4.56 23.20
C ILE B 246 -6.47 3.34 22.66
N SER B 247 -5.65 3.57 21.63
CA SER B 247 -4.93 2.48 21.00
C SER B 247 -4.08 1.70 21.97
N VAL B 248 -4.18 0.37 21.90
CA VAL B 248 -3.31 -0.49 22.68
C VAL B 248 -2.00 -0.66 21.93
N LEU B 249 -0.89 -0.37 22.60
CA LEU B 249 0.44 -0.31 21.97
C LEU B 249 1.24 -1.60 22.09
N ASP B 250 0.97 -2.39 23.12
CA ASP B 250 1.64 -3.68 23.23
C ASP B 250 0.65 -4.81 23.45
N VAL B 251 0.89 -5.91 22.74
CA VAL B 251 -0.01 -7.04 22.73
C VAL B 251 -0.15 -7.70 24.10
N GLU B 252 0.86 -7.52 24.95
CA GLU B 252 0.83 -8.10 26.29
C GLU B 252 -0.26 -7.46 27.14
N GLY B 266 -18.61 7.91 21.46
CA GLY B 266 -19.03 8.94 20.54
C GLY B 266 -20.28 9.66 20.99
N ALA B 267 -21.32 8.88 21.31
CA ALA B 267 -22.60 9.45 21.75
C ALA B 267 -22.41 10.47 22.87
N GLN B 268 -21.48 10.19 23.77
CA GLN B 268 -21.17 11.11 24.86
C GLN B 268 -20.92 12.49 24.28
N ARG B 269 -19.79 12.63 23.59
CA ARG B 269 -19.30 13.90 23.09
C ARG B 269 -20.01 14.37 21.82
N ALA B 270 -20.94 13.58 21.32
CA ALA B 270 -21.64 13.91 20.07
C ALA B 270 -22.23 15.30 20.12
N GLU B 271 -22.98 15.59 21.17
CA GLU B 271 -23.66 16.86 21.32
C GLU B 271 -22.71 18.00 21.69
N LEU B 272 -21.59 17.66 22.32
CA LEU B 272 -20.57 18.66 22.56
C LEU B 272 -19.92 19.03 21.24
N MET B 273 -19.53 18.01 20.48
CA MET B 273 -18.90 18.24 19.19
C MET B 273 -19.89 18.93 18.24
N GLN B 274 -21.16 18.54 18.32
CA GLN B 274 -22.20 19.18 17.53
C GLN B 274 -22.29 20.65 17.86
N SER B 275 -22.33 20.96 19.15
CA SER B 275 -22.34 22.34 19.63
C SER B 275 -21.13 23.09 19.11
N TRP B 276 -19.97 22.43 19.19
CA TRP B 276 -18.72 22.99 18.73
C TRP B 276 -18.79 23.36 17.25
N PHE B 277 -19.29 22.43 16.44
CA PHE B 277 -19.39 22.70 15.00
C PHE B 277 -20.33 23.86 14.74
N GLU B 278 -21.44 23.89 15.47
CA GLU B 278 -22.38 24.99 15.33
C GLU B 278 -21.73 26.32 15.65
N LYS B 279 -20.95 26.36 16.73
CA LYS B 279 -20.33 27.59 17.19
C LYS B 279 -19.19 28.06 16.30
N ILE B 280 -18.41 27.11 15.78
CA ILE B 280 -17.38 27.43 14.81
C ILE B 280 -18.03 28.08 13.59
N ILE B 281 -19.09 27.45 13.09
CA ILE B 281 -19.76 27.93 11.90
C ILE B 281 -20.25 29.36 12.15
N GLU B 282 -20.86 29.55 13.31
CA GLU B 282 -21.31 30.85 13.77
C GLU B 282 -20.25 31.91 13.53
N LYS B 283 -18.98 31.53 13.69
CA LYS B 283 -17.89 32.49 13.59
C LYS B 283 -17.06 32.38 12.31
N LEU B 284 -17.43 31.45 11.44
CA LEU B 284 -16.80 31.35 10.13
C LEU B 284 -16.94 32.69 9.40
N PRO B 285 -15.89 33.10 8.69
CA PRO B 285 -15.97 34.32 7.88
C PRO B 285 -17.04 34.14 6.81
N LYS B 286 -17.53 35.24 6.25
CA LYS B 286 -18.61 35.15 5.28
C LYS B 286 -18.51 36.24 4.21
N ASP B 287 -18.61 35.83 2.95
CA ASP B 287 -18.69 36.77 1.85
C ASP B 287 -20.13 37.21 1.71
N SER C 4 -12.49 -13.99 -6.85
CA SER C 4 -13.12 -15.11 -7.53
C SER C 4 -14.62 -15.23 -7.24
N VAL C 5 -14.99 -16.33 -6.59
CA VAL C 5 -16.29 -16.48 -6.00
C VAL C 5 -16.28 -15.84 -4.62
N THR C 6 -17.30 -15.07 -4.29
CA THR C 6 -17.31 -14.31 -3.05
C THR C 6 -17.26 -15.23 -1.83
N ALA C 7 -16.38 -14.89 -0.88
CA ALA C 7 -16.31 -15.65 0.36
C ALA C 7 -17.50 -15.30 1.26
N ASN C 8 -18.69 -15.37 0.70
CA ASN C 8 -19.89 -15.14 1.48
C ASN C 8 -20.41 -16.46 2.04
N ILE C 9 -21.44 -16.40 2.86
CA ILE C 9 -21.92 -17.59 3.56
C ILE C 9 -22.41 -18.68 2.61
N GLU C 10 -23.12 -18.28 1.55
CA GLU C 10 -23.68 -19.25 0.60
C GLU C 10 -22.58 -20.05 -0.07
N ASN C 11 -21.65 -19.35 -0.70
CA ASN C 11 -20.56 -20.00 -1.41
C ASN C 11 -19.68 -20.81 -0.48
N VAL C 12 -19.48 -20.31 0.73
CA VAL C 12 -18.62 -21.02 1.67
C VAL C 12 -19.32 -22.27 2.18
N LYS C 13 -20.63 -22.17 2.38
CA LYS C 13 -21.39 -23.36 2.73
C LYS C 13 -21.31 -24.41 1.63
N LYS C 14 -21.57 -23.99 0.39
CA LYS C 14 -21.47 -24.90 -0.74
C LYS C 14 -20.17 -25.68 -0.71
N VAL C 15 -19.06 -24.95 -0.64
CA VAL C 15 -17.73 -25.56 -0.60
C VAL C 15 -17.62 -26.50 0.60
N ALA C 16 -17.97 -25.98 1.77
CA ALA C 16 -17.91 -26.78 2.99
C ALA C 16 -18.69 -28.07 2.81
N HIS C 17 -19.92 -27.96 2.32
CA HIS C 17 -20.76 -29.13 2.16
C HIS C 17 -20.15 -30.10 1.15
N HIS C 18 -19.62 -29.57 0.06
CA HIS C 18 -18.96 -30.42 -0.92
C HIS C 18 -17.90 -31.23 -0.21
N ILE C 19 -17.06 -30.54 0.57
CA ILE C 19 -15.99 -31.20 1.30
C ILE C 19 -16.53 -32.26 2.26
N GLN C 20 -17.57 -31.92 3.00
CA GLN C 20 -18.12 -32.84 4.00
C GLN C 20 -18.70 -34.11 3.35
N LYS C 21 -18.93 -34.08 2.04
CA LYS C 21 -19.34 -35.27 1.32
C LYS C 21 -18.14 -36.19 1.10
N LEU C 22 -16.95 -35.60 1.17
CA LEU C 22 -15.73 -36.28 0.79
C LEU C 22 -14.89 -36.73 1.97
N THR C 23 -15.30 -36.35 3.16
CA THR C 23 -14.59 -36.79 4.35
C THR C 23 -15.49 -36.75 5.57
N SER C 24 -15.29 -37.71 6.47
CA SER C 24 -16.05 -37.79 7.69
C SER C 24 -15.29 -37.06 8.78
N ILE C 25 -14.14 -36.52 8.40
CA ILE C 25 -13.30 -35.78 9.33
C ILE C 25 -13.84 -34.38 9.57
N VAL C 26 -14.26 -34.12 10.80
CA VAL C 26 -14.61 -32.78 11.22
C VAL C 26 -13.37 -32.15 11.86
N PRO C 27 -12.66 -31.30 11.12
CA PRO C 27 -11.41 -30.77 11.66
C PRO C 27 -11.64 -29.77 12.78
N GLU C 28 -10.84 -29.90 13.83
CA GLU C 28 -10.86 -28.98 14.95
C GLU C 28 -9.73 -27.98 14.76
N ILE C 29 -8.72 -28.43 14.04
CA ILE C 29 -7.54 -27.62 13.82
C ILE C 29 -7.26 -27.50 12.33
N GLY C 30 -7.11 -26.28 11.86
CA GLY C 30 -6.68 -26.02 10.50
C GLY C 30 -5.19 -25.74 10.51
N ILE C 31 -4.50 -26.21 9.49
CA ILE C 31 -3.07 -26.00 9.41
C ILE C 31 -2.75 -25.51 8.01
N ILE C 32 -2.16 -24.33 7.94
CA ILE C 32 -1.78 -23.78 6.67
C ILE C 32 -0.30 -24.06 6.49
N CYS C 33 -0.02 -24.98 5.59
CA CYS C 33 1.32 -25.44 5.34
C CYS C 33 2.14 -24.33 4.71
N GLY C 34 2.99 -23.70 5.50
CA GLY C 34 3.93 -22.74 4.97
C GLY C 34 5.30 -23.39 4.95
N SER C 35 6.33 -22.57 4.82
CA SER C 35 7.70 -23.08 4.92
C SER C 35 7.85 -23.97 6.16
N GLY C 36 8.47 -25.12 5.96
CA GLY C 36 8.83 -25.99 7.07
C GLY C 36 7.78 -27.00 7.45
N LEU C 37 6.59 -26.89 6.85
CA LEU C 37 5.47 -27.75 7.23
C LEU C 37 5.15 -28.81 6.18
N GLY C 38 5.86 -28.77 5.07
CA GLY C 38 5.66 -29.75 4.02
C GLY C 38 5.62 -31.17 4.55
N LYS C 39 6.48 -31.45 5.52
CA LYS C 39 6.53 -32.79 6.09
C LYS C 39 5.35 -33.06 7.01
N LEU C 40 4.90 -32.02 7.71
CA LEU C 40 3.71 -32.15 8.57
C LEU C 40 2.55 -32.70 7.77
N ALA C 41 2.26 -32.06 6.64
CA ALA C 41 1.20 -32.54 5.75
C ALA C 41 1.29 -34.05 5.53
N ASP C 42 2.49 -34.53 5.22
CA ASP C 42 2.69 -35.94 4.91
C ASP C 42 2.46 -36.86 6.10
N GLY C 43 2.53 -36.32 7.31
CA GLY C 43 2.44 -37.14 8.50
C GLY C 43 1.04 -37.33 9.05
N VAL C 44 0.10 -36.56 8.52
CA VAL C 44 -1.30 -36.67 8.95
C VAL C 44 -1.77 -38.11 8.84
N LYS C 45 -2.22 -38.67 9.97
CA LYS C 45 -2.69 -40.05 9.99
C LYS C 45 -4.04 -40.19 9.31
N ASP C 46 -4.22 -41.27 8.56
CA ASP C 46 -5.50 -41.58 7.95
C ASP C 46 -5.95 -40.48 7.02
N LYS C 47 -5.02 -39.95 6.23
CA LYS C 47 -5.31 -38.83 5.36
C LYS C 47 -6.52 -39.11 4.49
N ILE C 48 -7.32 -38.08 4.28
CA ILE C 48 -8.14 -38.00 3.09
C ILE C 48 -7.59 -36.79 2.36
N THR C 49 -7.12 -37.00 1.14
CA THR C 49 -6.53 -35.90 0.38
C THR C 49 -7.47 -35.45 -0.72
N ILE C 50 -7.94 -34.21 -0.60
CA ILE C 50 -8.91 -33.66 -1.53
C ILE C 50 -8.26 -32.56 -2.34
N PRO C 51 -7.89 -32.87 -3.60
CA PRO C 51 -7.26 -31.85 -4.45
C PRO C 51 -8.20 -30.67 -4.59
N TYR C 52 -7.66 -29.46 -4.60
CA TYR C 52 -8.46 -28.27 -4.76
C TYR C 52 -9.32 -28.35 -6.02
N THR C 53 -8.81 -29.09 -7.01
CA THR C 53 -9.48 -29.24 -8.30
C THR C 53 -10.75 -30.05 -8.19
N LYS C 54 -10.89 -30.80 -7.11
CA LYS C 54 -12.08 -31.61 -6.92
C LYS C 54 -13.12 -30.93 -6.06
N ILE C 55 -12.89 -29.65 -5.74
CA ILE C 55 -13.83 -28.90 -4.90
C ILE C 55 -14.41 -27.70 -5.63
N PRO C 56 -15.64 -27.86 -6.16
CA PRO C 56 -16.33 -26.80 -6.89
C PRO C 56 -16.30 -25.48 -6.11
N ASN C 57 -15.83 -24.43 -6.78
CA ASN C 57 -15.79 -23.07 -6.23
C ASN C 57 -14.68 -22.86 -5.21
N PHE C 58 -13.92 -23.90 -4.91
CA PHE C 58 -12.75 -23.72 -4.07
C PHE C 58 -11.68 -23.03 -4.90
N PRO C 59 -10.90 -22.15 -4.26
CA PRO C 59 -9.84 -21.43 -4.97
C PRO C 59 -8.83 -22.40 -5.55
N GLN C 60 -8.40 -22.15 -6.78
CA GLN C 60 -7.44 -23.03 -7.43
C GLN C 60 -6.04 -22.47 -7.33
N THR C 61 -5.12 -23.29 -6.84
CA THR C 61 -3.72 -22.92 -6.89
C THR C 61 -2.88 -24.16 -7.11
N SER C 62 -1.78 -23.99 -7.81
CA SER C 62 -0.93 -25.11 -8.19
C SER C 62 0.50 -24.87 -7.76
N VAL C 63 1.22 -25.96 -7.54
CA VAL C 63 2.67 -25.95 -7.48
C VAL C 63 3.16 -26.45 -8.82
N VAL C 64 3.72 -25.54 -9.62
CA VAL C 64 4.08 -25.81 -11.00
C VAL C 64 3.19 -26.87 -11.66
N GLY C 65 1.90 -26.61 -11.66
CA GLY C 65 0.94 -27.45 -12.36
C GLY C 65 0.18 -28.41 -11.48
N HIS C 66 0.75 -28.77 -10.34
CA HIS C 66 0.11 -29.72 -9.43
C HIS C 66 -0.79 -29.01 -8.44
N SER C 67 -2.07 -29.34 -8.46
CA SER C 67 -3.04 -28.69 -7.60
C SER C 67 -2.68 -28.83 -6.13
N GLY C 68 -2.96 -27.78 -5.36
CA GLY C 68 -2.86 -27.87 -3.92
C GLY C 68 -3.94 -28.83 -3.43
N ASN C 69 -3.82 -29.28 -2.19
CA ASN C 69 -4.77 -30.23 -1.62
C ASN C 69 -5.22 -29.82 -0.23
N LEU C 70 -6.43 -30.23 0.12
CA LEU C 70 -6.90 -30.11 1.48
C LEU C 70 -6.66 -31.48 2.07
N ILE C 71 -5.95 -31.54 3.19
CA ILE C 71 -5.62 -32.83 3.78
C ILE C 71 -6.31 -33.04 5.11
N PHE C 72 -7.23 -34.00 5.14
CA PHE C 72 -7.94 -34.34 6.37
C PHE C 72 -7.38 -35.60 6.98
N GLY C 73 -7.43 -35.65 8.29
CA GLY C 73 -6.99 -36.82 9.02
C GLY C 73 -6.76 -36.38 10.45
N THR C 74 -5.87 -37.07 11.15
CA THR C 74 -5.55 -36.67 12.50
C THR C 74 -4.06 -36.45 12.63
N LEU C 75 -3.69 -35.82 13.74
CA LEU C 75 -2.33 -35.43 13.99
C LEU C 75 -2.27 -35.35 15.50
N SER C 76 -1.51 -36.24 16.11
CA SER C 76 -1.45 -36.31 17.56
C SER C 76 -2.85 -36.49 18.13
N GLY C 77 -3.65 -37.34 17.48
CA GLY C 77 -4.97 -37.68 17.98
C GLY C 77 -6.02 -36.59 17.85
N ARG C 78 -5.71 -35.54 17.10
CA ARG C 78 -6.67 -34.46 16.89
C ARG C 78 -7.05 -34.35 15.42
N LYS C 79 -8.33 -34.09 15.16
CA LYS C 79 -8.82 -33.97 13.79
C LYS C 79 -8.31 -32.67 13.18
N VAL C 80 -7.64 -32.77 12.04
CA VAL C 80 -7.07 -31.61 11.39
C VAL C 80 -7.45 -31.57 9.93
N VAL C 81 -7.45 -30.36 9.38
CA VAL C 81 -7.46 -30.17 7.94
C VAL C 81 -6.22 -29.38 7.61
N VAL C 82 -5.39 -29.93 6.73
CA VAL C 82 -4.17 -29.25 6.32
C VAL C 82 -4.39 -28.63 4.97
N MET C 83 -4.06 -27.34 4.86
CA MET C 83 -4.09 -26.69 3.56
C MET C 83 -2.73 -26.86 2.94
N GLN C 84 -2.65 -27.70 1.92
CA GLN C 84 -1.43 -27.88 1.17
C GLN C 84 -1.55 -27.08 -0.13
N GLY C 85 -1.06 -25.86 -0.09
CA GLY C 85 -1.23 -24.92 -1.20
C GLY C 85 -1.93 -23.68 -0.69
N ARG C 86 -1.18 -22.62 -0.48
CA ARG C 86 -1.77 -21.38 -0.02
C ARG C 86 -1.94 -20.42 -1.18
N PHE C 87 -2.73 -19.38 -0.94
CA PHE C 87 -3.03 -18.39 -1.95
C PHE C 87 -2.40 -17.09 -1.53
N HIS C 88 -1.26 -16.80 -2.13
CA HIS C 88 -0.51 -15.62 -1.80
C HIS C 88 -1.00 -14.46 -2.62
N MET C 89 -1.12 -13.32 -1.97
CA MET C 89 -1.62 -12.12 -2.60
C MET C 89 -0.71 -11.70 -3.74
N TYR C 90 0.56 -12.07 -3.68
CA TYR C 90 1.49 -11.67 -4.75
C TYR C 90 1.23 -12.42 -6.04
N GLU C 91 0.59 -13.58 -5.94
CA GLU C 91 0.19 -14.34 -7.12
C GLU C 91 -1.00 -13.66 -7.77
N GLY C 92 -1.58 -12.70 -7.08
CA GLY C 92 -2.68 -11.94 -7.63
C GLY C 92 -4.03 -12.48 -7.20
N TYR C 93 -4.06 -13.41 -6.26
CA TYR C 93 -5.33 -13.92 -5.77
C TYR C 93 -6.13 -12.80 -5.14
N SER C 94 -7.45 -12.95 -5.17
CA SER C 94 -8.33 -11.93 -4.63
C SER C 94 -8.50 -12.15 -3.14
N ASN C 95 -9.05 -11.14 -2.48
CA ASN C 95 -9.36 -11.23 -1.06
C ASN C 95 -10.31 -12.38 -0.80
N ASP C 96 -11.29 -12.52 -1.67
CA ASP C 96 -12.25 -13.61 -1.52
C ASP C 96 -11.58 -14.97 -1.69
N THR C 97 -10.71 -15.09 -2.68
CA THR C 97 -9.99 -16.34 -2.88
C THR C 97 -9.24 -16.71 -1.61
N VAL C 98 -8.49 -15.77 -1.05
CA VAL C 98 -7.69 -16.06 0.13
C VAL C 98 -8.59 -16.36 1.32
N ALA C 99 -9.69 -15.61 1.41
CA ALA C 99 -10.58 -15.71 2.56
C ALA C 99 -11.38 -17.01 2.56
N LEU C 100 -11.77 -17.48 1.37
CA LEU C 100 -12.74 -18.55 1.30
C LEU C 100 -12.28 -19.79 2.03
N PRO C 101 -11.04 -20.24 1.77
CA PRO C 101 -10.62 -21.47 2.45
C PRO C 101 -10.66 -21.34 3.97
N ILE C 102 -10.37 -20.16 4.51
CA ILE C 102 -10.37 -20.01 5.96
C ILE C 102 -11.80 -20.07 6.49
N ARG C 103 -12.70 -19.41 5.77
CA ARG C 103 -14.10 -19.40 6.15
C ARG C 103 -14.69 -20.81 6.01
N VAL C 104 -14.25 -21.53 5.00
CA VAL C 104 -14.64 -22.93 4.85
C VAL C 104 -14.20 -23.71 6.09
N MET C 105 -12.96 -23.49 6.52
CA MET C 105 -12.46 -24.12 7.73
C MET C 105 -13.39 -23.84 8.90
N LYS C 106 -13.86 -22.60 8.97
CA LYS C 106 -14.77 -22.21 10.03
C LYS C 106 -16.00 -23.11 10.02
N LEU C 107 -16.67 -23.20 8.88
CA LEU C 107 -17.87 -24.02 8.78
C LEU C 107 -17.59 -25.50 8.99
N LEU C 108 -16.37 -25.95 8.67
CA LEU C 108 -16.01 -27.35 8.86
C LEU C 108 -15.81 -27.71 10.32
N GLY C 109 -15.62 -26.71 11.17
CA GLY C 109 -15.45 -26.93 12.59
C GLY C 109 -14.07 -26.55 13.12
N VAL C 110 -13.25 -25.92 12.30
CA VAL C 110 -11.93 -25.52 12.74
C VAL C 110 -12.05 -24.48 13.85
N LYS C 111 -11.35 -24.72 14.97
CA LYS C 111 -11.36 -23.81 16.10
C LYS C 111 -10.02 -23.10 16.20
N ILE C 112 -8.98 -23.74 15.70
CA ILE C 112 -7.63 -23.22 15.82
C ILE C 112 -6.97 -23.32 14.47
N LEU C 113 -6.33 -22.24 14.07
CA LEU C 113 -5.58 -22.23 12.83
C LEU C 113 -4.11 -22.16 13.19
N MET C 114 -3.36 -23.15 12.72
CA MET C 114 -1.93 -23.09 12.88
C MET C 114 -1.35 -22.84 11.52
N VAL C 115 -0.48 -21.85 11.43
CA VAL C 115 0.13 -21.54 10.17
C VAL C 115 1.61 -21.27 10.37
N SER C 116 2.40 -21.74 9.42
CA SER C 116 3.81 -21.40 9.39
C SER C 116 4.03 -20.60 8.12
N ASN C 117 5.12 -19.86 8.08
CA ASN C 117 5.54 -19.23 6.86
C ASN C 117 7.05 -19.07 6.87
N ALA C 118 7.60 -18.67 5.74
CA ALA C 118 9.01 -18.35 5.66
C ALA C 118 9.10 -16.85 5.78
N ALA C 119 10.11 -16.36 6.49
CA ALA C 119 10.25 -14.93 6.65
C ALA C 119 11.70 -14.55 6.76
N GLY C 120 11.99 -13.30 6.41
CA GLY C 120 13.32 -12.75 6.58
C GLY C 120 13.42 -12.24 8.00
N GLY C 121 14.58 -12.47 8.62
CA GLY C 121 14.83 -12.00 9.96
C GLY C 121 15.30 -10.56 9.91
N LEU C 122 14.43 -9.67 10.36
CA LEU C 122 14.80 -8.27 10.44
C LEU C 122 15.51 -8.03 11.76
N ASN C 123 14.90 -8.52 12.84
CA ASN C 123 15.48 -8.45 14.16
C ASN C 123 16.89 -9.01 14.11
N ARG C 124 17.87 -8.21 14.52
CA ARG C 124 19.28 -8.60 14.38
C ARG C 124 19.69 -9.80 15.24
N SER C 125 18.89 -10.14 16.25
CA SER C 125 19.25 -11.25 17.12
C SER C 125 18.82 -12.59 16.52
N LEU C 126 18.04 -12.54 15.44
CA LEU C 126 17.56 -13.76 14.83
C LEU C 126 18.63 -14.50 14.04
N LYS C 127 18.56 -15.82 14.09
CA LYS C 127 19.47 -16.67 13.35
C LYS C 127 18.67 -17.39 12.29
N LEU C 128 19.32 -17.70 11.17
CA LEU C 128 18.77 -18.59 10.18
C LEU C 128 18.24 -19.83 10.88
N GLY C 129 17.00 -20.21 10.60
CA GLY C 129 16.45 -21.44 11.15
C GLY C 129 15.68 -21.23 12.45
N ASP C 130 15.73 -20.02 12.98
CA ASP C 130 14.93 -19.68 14.15
C ASP C 130 13.45 -19.75 13.85
N PHE C 131 12.67 -20.01 14.90
CA PHE C 131 11.23 -19.97 14.80
C PHE C 131 10.78 -18.71 15.50
N VAL C 132 10.15 -17.82 14.75
CA VAL C 132 9.54 -16.65 15.34
C VAL C 132 8.03 -16.84 15.39
N ILE C 133 7.55 -17.23 16.56
CA ILE C 133 6.13 -17.21 16.83
C ILE C 133 5.67 -15.78 16.65
N LEU C 134 4.65 -15.60 15.83
CA LEU C 134 4.05 -14.30 15.66
C LEU C 134 3.27 -13.99 16.91
N LYS C 135 3.60 -12.88 17.56
CA LYS C 135 2.79 -12.42 18.68
C LYS C 135 2.05 -11.18 18.24
N ASP C 136 2.39 -10.69 17.06
CA ASP C 136 1.68 -9.56 16.49
C ASP C 136 2.12 -9.35 15.07
N HIS C 137 1.43 -8.46 14.36
CA HIS C 137 1.80 -8.23 12.99
C HIS C 137 1.58 -6.78 12.58
N ILE C 138 2.23 -6.41 11.48
CA ILE C 138 1.99 -5.14 10.86
C ILE C 138 1.59 -5.46 9.44
N TYR C 139 0.32 -5.17 9.17
CA TYR C 139 -0.31 -5.52 7.94
C TYR C 139 -0.19 -4.34 7.00
N LEU C 140 0.97 -4.19 6.37
CA LEU C 140 1.20 -3.03 5.52
C LEU C 140 0.14 -2.89 4.43
N PRO C 141 -0.18 -3.98 3.72
CA PRO C 141 -1.24 -3.86 2.72
C PRO C 141 -2.56 -3.48 3.36
N GLY C 142 -2.81 -4.00 4.56
CA GLY C 142 -4.03 -3.70 5.30
C GLY C 142 -4.14 -2.24 5.65
N LEU C 143 -3.02 -1.64 6.04
CA LEU C 143 -2.96 -0.23 6.39
C LEU C 143 -3.18 0.62 5.16
N GLY C 144 -2.68 0.13 4.03
CA GLY C 144 -3.03 0.74 2.76
C GLY C 144 -4.49 0.39 2.60
N LEU C 145 -4.92 0.24 1.36
CA LEU C 145 -6.30 -0.14 1.14
C LEU C 145 -6.41 -1.54 0.57
N ASN C 146 -5.50 -2.40 0.97
CA ASN C 146 -5.48 -3.77 0.48
C ASN C 146 -5.65 -4.76 1.61
N ASN C 147 -6.45 -4.37 2.60
CA ASN C 147 -6.80 -5.29 3.65
C ASN C 147 -7.74 -6.34 3.04
N ILE C 148 -7.49 -7.61 3.36
CA ILE C 148 -8.31 -8.70 2.85
C ILE C 148 -9.81 -8.51 3.13
N LEU C 149 -10.14 -7.70 4.14
CA LEU C 149 -11.54 -7.49 4.51
C LEU C 149 -12.19 -6.29 3.78
N VAL C 150 -11.41 -5.58 2.98
CA VAL C 150 -11.97 -4.46 2.23
C VAL C 150 -13.13 -4.97 1.38
N GLY C 151 -14.22 -4.21 1.35
CA GLY C 151 -15.40 -4.59 0.62
C GLY C 151 -16.54 -4.89 1.58
N PRO C 152 -17.73 -5.20 1.05
CA PRO C 152 -18.84 -5.46 1.96
C PRO C 152 -18.42 -6.52 2.96
N ASN C 153 -18.65 -6.26 4.24
CA ASN C 153 -18.36 -7.25 5.26
C ASN C 153 -19.28 -8.45 5.13
N GLN C 154 -18.73 -9.65 5.27
CA GLN C 154 -19.57 -10.84 5.30
C GLN C 154 -20.00 -11.09 6.73
N GLU C 155 -21.13 -10.49 7.11
CA GLU C 155 -21.60 -10.53 8.49
C GLU C 155 -21.71 -11.96 9.00
N ALA C 156 -21.99 -12.90 8.11
CA ALA C 156 -22.10 -14.30 8.51
C ALA C 156 -20.82 -14.78 9.20
N PHE C 157 -19.70 -14.15 8.89
CA PHE C 157 -18.43 -14.67 9.39
C PHE C 157 -17.81 -13.82 10.48
N GLY C 158 -18.16 -12.55 10.53
CA GLY C 158 -17.59 -11.68 11.53
C GLY C 158 -18.02 -10.24 11.36
N THR C 159 -17.53 -9.41 12.26
CA THR C 159 -17.99 -8.04 12.35
C THR C 159 -17.32 -7.15 11.32
N ARG C 160 -17.85 -5.96 11.14
CA ARG C 160 -17.32 -5.02 10.15
C ARG C 160 -15.91 -4.57 10.51
N PHE C 161 -15.69 -4.27 11.79
CA PHE C 161 -14.41 -3.77 12.28
C PHE C 161 -13.82 -4.72 13.31
N PRO C 162 -13.18 -5.80 12.84
CA PRO C 162 -12.58 -6.75 13.79
C PRO C 162 -11.41 -6.12 14.53
N ALA C 163 -11.35 -6.34 15.83
CA ALA C 163 -10.17 -5.99 16.59
C ALA C 163 -9.16 -7.11 16.40
N LEU C 164 -7.90 -6.76 16.38
CA LEU C 164 -6.86 -7.77 16.25
C LEU C 164 -6.14 -7.89 17.58
N SER C 165 -6.87 -7.59 18.65
CA SER C 165 -6.39 -7.83 19.99
C SER C 165 -6.19 -9.32 20.15
N ASN C 166 -5.02 -9.71 20.60
CA ASN C 166 -4.73 -11.12 20.84
C ASN C 166 -4.99 -11.96 19.59
N ALA C 167 -4.70 -11.38 18.43
CA ALA C 167 -4.81 -12.09 17.16
C ALA C 167 -4.01 -13.38 17.23
N TYR C 168 -2.81 -13.28 17.79
CA TYR C 168 -1.94 -14.43 17.95
C TYR C 168 -2.12 -14.95 19.36
N ASP C 169 -3.08 -15.85 19.50
CA ASP C 169 -3.52 -16.26 20.81
C ASP C 169 -2.36 -16.45 21.78
N ARG C 170 -2.37 -15.69 22.85
CA ARG C 170 -1.27 -15.70 23.80
C ARG C 170 -1.12 -17.07 24.46
N ASP C 171 -2.24 -17.76 24.65
CA ASP C 171 -2.19 -19.07 25.27
C ASP C 171 -1.54 -20.08 24.32
N LEU C 172 -1.88 -19.99 23.05
CA LEU C 172 -1.28 -20.89 22.07
C LEU C 172 0.20 -20.58 21.96
N ARG C 173 0.54 -19.30 22.00
CA ARG C 173 1.93 -18.89 21.98
C ARG C 173 2.68 -19.48 23.18
N LYS C 174 2.07 -19.37 24.36
CA LYS C 174 2.65 -19.90 25.58
C LYS C 174 2.84 -21.42 25.50
N LEU C 175 1.81 -22.10 25.01
CA LEU C 175 1.90 -23.54 24.78
C LEU C 175 3.03 -23.89 23.83
N ALA C 176 3.08 -23.18 22.69
CA ALA C 176 4.10 -23.46 21.68
C ALA C 176 5.48 -23.30 22.29
N VAL C 177 5.66 -22.25 23.08
CA VAL C 177 6.95 -21.98 23.70
C VAL C 177 7.28 -23.09 24.70
N GLN C 178 6.31 -23.47 25.52
CA GLN C 178 6.50 -24.56 26.47
C GLN C 178 6.86 -25.87 25.79
N VAL C 179 6.14 -26.21 24.73
CA VAL C 179 6.44 -27.44 24.01
C VAL C 179 7.86 -27.39 23.46
N ALA C 180 8.20 -26.25 22.85
CA ALA C 180 9.57 -26.05 22.39
C ALA C 180 10.57 -26.20 23.54
N GLU C 181 10.28 -25.56 24.67
CA GLU C 181 11.16 -25.63 25.84
C GLU C 181 11.34 -27.06 26.31
N GLU C 182 10.22 -27.75 26.52
CA GLU C 182 10.22 -29.13 27.03
C GLU C 182 11.03 -30.06 26.16
N ASN C 183 11.01 -29.78 24.86
CA ASN C 183 11.62 -30.70 23.90
C ASN C 183 13.00 -30.24 23.48
N GLY C 184 13.51 -29.23 24.17
CA GLY C 184 14.92 -28.90 24.07
C GLY C 184 15.33 -28.09 22.87
N PHE C 185 14.35 -27.45 22.21
CA PHE C 185 14.70 -26.50 21.17
C PHE C 185 14.09 -25.14 21.45
N GLY C 186 13.90 -24.86 22.74
CA GLY C 186 13.38 -23.57 23.17
C GLY C 186 14.26 -22.45 22.65
N ASN C 187 15.55 -22.72 22.56
CA ASN C 187 16.52 -21.74 22.08
C ASN C 187 16.29 -21.26 20.65
N LEU C 188 15.65 -22.09 19.84
CA LEU C 188 15.32 -21.73 18.47
C LEU C 188 14.10 -20.84 18.44
N VAL C 189 13.39 -20.79 19.56
CA VAL C 189 12.06 -20.18 19.57
C VAL C 189 12.05 -18.75 20.09
N HIS C 190 11.58 -17.85 19.24
CA HIS C 190 11.43 -16.46 19.56
C HIS C 190 9.98 -16.09 19.33
N GLN C 191 9.62 -14.90 19.78
CA GLN C 191 8.33 -14.32 19.50
C GLN C 191 8.60 -12.94 18.96
N GLY C 192 7.79 -12.50 18.02
CA GLY C 192 8.05 -11.21 17.43
C GLY C 192 6.94 -10.73 16.53
N VAL C 193 7.18 -9.57 15.95
CA VAL C 193 6.21 -8.95 15.08
C VAL C 193 6.54 -9.27 13.64
N TYR C 194 5.53 -9.76 12.94
CA TYR C 194 5.66 -10.08 11.52
C TYR C 194 5.02 -8.96 10.74
N VAL C 195 5.75 -8.46 9.76
CA VAL C 195 5.21 -7.44 8.89
C VAL C 195 5.07 -8.04 7.52
N MET C 196 3.93 -7.82 6.92
CA MET C 196 3.72 -8.33 5.59
C MET C 196 4.16 -7.31 4.55
N ASN C 197 5.04 -7.77 3.68
CA ASN C 197 5.36 -7.07 2.45
C ASN C 197 4.56 -7.80 1.40
N GLY C 198 3.65 -7.09 0.74
CA GLY C 198 2.82 -7.68 -0.30
C GLY C 198 3.66 -8.50 -1.28
N GLY C 199 4.87 -8.03 -1.55
CA GLY C 199 5.79 -8.77 -2.40
C GLY C 199 5.40 -8.63 -3.86
N PRO C 200 6.00 -9.46 -4.73
CA PRO C 200 6.84 -10.61 -4.40
C PRO C 200 8.33 -10.30 -4.38
N CYS C 201 8.71 -9.03 -4.55
CA CYS C 201 10.09 -8.65 -4.37
C CYS C 201 10.50 -8.84 -2.92
N TYR C 202 11.70 -9.36 -2.71
CA TYR C 202 12.28 -9.28 -1.39
C TYR C 202 12.48 -7.80 -1.09
N GLU C 203 12.55 -7.48 0.20
CA GLU C 203 12.77 -6.12 0.65
C GLU C 203 14.15 -5.62 0.26
N THR C 204 14.23 -4.37 -0.16
CA THR C 204 15.50 -3.70 -0.31
C THR C 204 16.07 -3.51 1.08
N PRO C 205 17.38 -3.24 1.16
CA PRO C 205 17.96 -2.94 2.47
C PRO C 205 17.25 -1.75 3.13
N ALA C 206 16.95 -0.71 2.36
CA ALA C 206 16.28 0.45 2.93
C ALA C 206 14.93 0.07 3.52
N GLU C 207 14.20 -0.79 2.81
CA GLU C 207 12.92 -1.26 3.29
C GLU C 207 13.11 -2.08 4.57
N CYS C 208 14.12 -2.95 4.58
CA CYS C 208 14.38 -3.75 5.77
C CYS C 208 14.73 -2.88 6.97
N THR C 209 15.57 -1.89 6.73
CA THR C 209 15.97 -0.97 7.78
C THR C 209 14.73 -0.24 8.29
N MET C 210 13.90 0.24 7.38
CA MET C 210 12.66 0.88 7.76
C MET C 210 11.77 -0.06 8.58
N LEU C 211 11.57 -1.27 8.07
CA LEU C 211 10.69 -2.23 8.75
C LEU C 211 11.23 -2.58 10.13
N LEU C 212 12.54 -2.76 10.23
CA LEU C 212 13.16 -3.05 11.52
C LEU C 212 12.95 -1.89 12.46
N ASN C 213 13.11 -0.66 11.95
CA ASN C 213 12.89 0.51 12.79
C ASN C 213 11.43 0.69 13.19
N MET C 214 10.52 0.06 12.45
CA MET C 214 9.11 0.10 12.79
C MET C 214 8.76 -0.87 13.91
N GLY C 215 9.76 -1.64 14.33
CA GLY C 215 9.57 -2.63 15.37
C GLY C 215 9.18 -3.99 14.80
N CYS C 216 9.55 -4.22 13.54
CA CYS C 216 9.26 -5.49 12.89
C CYS C 216 10.41 -6.46 13.11
N ASP C 217 10.06 -7.71 13.43
CA ASP C 217 11.08 -8.71 13.71
C ASP C 217 11.36 -9.58 12.51
N VAL C 218 10.28 -9.96 11.83
CA VAL C 218 10.37 -10.76 10.62
C VAL C 218 9.49 -10.14 9.55
N VAL C 219 9.82 -10.40 8.30
CA VAL C 219 9.03 -9.89 7.20
C VAL C 219 8.74 -11.04 6.23
N GLY C 220 7.49 -11.13 5.82
CA GLY C 220 7.09 -12.12 4.85
C GLY C 220 6.03 -11.55 3.93
N MET C 221 5.51 -12.39 3.05
CA MET C 221 4.55 -11.93 2.06
C MET C 221 3.22 -12.61 2.21
N SER C 222 3.00 -13.25 3.34
CA SER C 222 1.83 -14.10 3.45
C SER C 222 1.18 -13.95 4.81
N THR C 223 0.26 -14.88 5.09
CA THR C 223 -0.14 -15.19 6.45
C THR C 223 -1.13 -14.19 7.05
N ILE C 224 -0.74 -12.93 7.16
CA ILE C 224 -1.60 -11.93 7.80
C ILE C 224 -3.04 -11.94 7.26
N PRO C 225 -3.22 -12.01 5.94
CA PRO C 225 -4.59 -12.01 5.41
C PRO C 225 -5.37 -13.22 5.92
N GLU C 226 -4.71 -14.37 5.96
CA GLU C 226 -5.34 -15.58 6.46
C GLU C 226 -5.68 -15.37 7.93
N VAL C 227 -4.74 -14.80 8.66
CA VAL C 227 -4.92 -14.52 10.07
C VAL C 227 -6.08 -13.56 10.28
N VAL C 228 -6.19 -12.57 9.41
CA VAL C 228 -7.25 -11.59 9.55
C VAL C 228 -8.58 -12.28 9.34
N ILE C 229 -8.69 -13.03 8.25
CA ILE C 229 -9.89 -13.80 7.99
C ILE C 229 -10.19 -14.75 9.17
N ALA C 230 -9.16 -15.44 9.64
CA ALA C 230 -9.32 -16.34 10.77
C ALA C 230 -9.92 -15.61 11.97
N ARG C 231 -9.26 -14.52 12.37
CA ARG C 231 -9.68 -13.76 13.54
C ARG C 231 -11.08 -13.19 13.35
N HIS C 232 -11.33 -12.68 12.16
CA HIS C 232 -12.61 -12.13 11.80
C HIS C 232 -13.72 -13.12 12.13
N CYS C 233 -13.50 -14.40 11.82
CA CYS C 233 -14.51 -15.41 12.12
C CYS C 233 -14.27 -16.17 13.42
N GLY C 234 -13.40 -15.66 14.27
CA GLY C 234 -13.26 -16.21 15.61
C GLY C 234 -12.46 -17.50 15.71
N ILE C 235 -11.67 -17.80 14.68
CA ILE C 235 -10.75 -18.93 14.75
C ILE C 235 -9.50 -18.46 15.48
N GLN C 236 -9.06 -19.22 16.47
CA GLN C 236 -7.84 -18.86 17.16
C GLN C 236 -6.65 -19.15 16.27
N VAL C 237 -5.64 -18.29 16.34
CA VAL C 237 -4.51 -18.41 15.43
C VAL C 237 -3.21 -18.61 16.16
N PHE C 238 -2.45 -19.60 15.71
CA PHE C 238 -1.06 -19.73 16.08
C PHE C 238 -0.27 -19.64 14.80
N ALA C 239 0.75 -18.79 14.78
CA ALA C 239 1.54 -18.57 13.58
C ALA C 239 3.01 -18.49 13.92
N VAL C 240 3.82 -19.17 13.10
CA VAL C 240 5.25 -19.16 13.28
C VAL C 240 5.92 -18.80 11.98
N SER C 241 6.87 -17.89 12.07
CA SER C 241 7.73 -17.59 10.95
C SER C 241 8.99 -18.41 11.10
N LEU C 242 9.37 -19.13 10.05
CA LEU C 242 10.69 -19.73 10.01
C LEU C 242 11.62 -18.67 9.43
N VAL C 243 12.68 -18.35 10.14
CA VAL C 243 13.64 -17.37 9.63
C VAL C 243 14.44 -18.05 8.53
N THR C 244 14.04 -17.82 7.28
CA THR C 244 14.64 -18.51 6.15
C THR C 244 15.74 -17.69 5.53
N ASN C 245 15.87 -16.44 5.97
CA ASN C 245 17.03 -15.64 5.63
C ASN C 245 17.17 -14.47 6.58
N ILE C 246 18.38 -13.97 6.70
CA ILE C 246 18.60 -12.77 7.48
C ILE C 246 18.48 -11.57 6.56
N SER C 247 17.52 -10.72 6.85
CA SER C 247 17.32 -9.54 6.04
C SER C 247 18.60 -8.74 5.90
N VAL C 248 18.90 -8.35 4.67
CA VAL C 248 20.04 -7.50 4.40
C VAL C 248 19.60 -6.04 4.57
N LEU C 249 20.28 -5.33 5.46
CA LEU C 249 19.94 -3.96 5.80
C LEU C 249 20.90 -3.00 5.15
N ASP C 250 21.95 -3.56 4.57
CA ASP C 250 23.08 -2.80 4.05
C ASP C 250 23.14 -2.91 2.53
N VAL C 251 23.00 -1.79 1.83
CA VAL C 251 23.05 -1.79 0.37
C VAL C 251 24.40 -2.26 -0.17
N GLU C 252 25.45 -2.11 0.63
CA GLU C 252 26.79 -2.47 0.19
C GLU C 252 26.95 -4.00 0.13
N SER C 253 26.14 -4.71 0.90
CA SER C 253 26.24 -6.17 0.98
C SER C 253 26.01 -6.86 -0.37
N ASP C 254 26.77 -7.92 -0.60
CA ASP C 254 26.60 -8.73 -1.81
C ASP C 254 25.63 -9.89 -1.56
N LEU C 255 25.31 -10.13 -0.30
CA LEU C 255 24.35 -11.17 0.05
C LEU C 255 22.96 -10.75 -0.42
N LYS C 256 22.19 -11.70 -0.96
CA LYS C 256 20.85 -11.38 -1.44
C LYS C 256 19.85 -12.49 -1.17
N PRO C 257 18.62 -12.11 -0.82
CA PRO C 257 17.56 -13.09 -0.58
C PRO C 257 17.27 -13.86 -1.86
N ASN C 258 17.13 -15.17 -1.74
CA ASN C 258 16.75 -15.99 -2.88
C ASN C 258 15.88 -17.12 -2.39
N HIS C 259 14.85 -17.42 -3.17
CA HIS C 259 13.85 -18.39 -2.74
C HIS C 259 14.43 -19.78 -2.52
N GLU C 260 15.49 -20.11 -3.26
CA GLU C 260 16.08 -21.43 -3.15
C GLU C 260 16.57 -21.68 -1.74
N GLU C 261 17.32 -20.72 -1.18
CA GLU C 261 17.79 -20.84 0.18
C GLU C 261 16.65 -20.83 1.18
N VAL C 262 15.61 -20.07 0.87
CA VAL C 262 14.39 -20.09 1.67
C VAL C 262 13.82 -21.49 1.71
N LEU C 263 13.68 -22.10 0.54
CA LEU C 263 13.19 -23.47 0.48
C LEU C 263 14.12 -24.42 1.22
N ALA C 264 15.43 -24.20 1.11
CA ALA C 264 16.42 -25.05 1.74
C ALA C 264 16.33 -24.98 3.27
N THR C 265 16.10 -23.78 3.80
CA THR C 265 15.98 -23.64 5.25
C THR C 265 14.68 -24.29 5.72
N GLY C 266 13.62 -24.09 4.94
CA GLY C 266 12.37 -24.78 5.20
C GLY C 266 12.55 -26.28 5.23
N ALA C 267 13.21 -26.82 4.20
CA ALA C 267 13.48 -28.26 4.14
C ALA C 267 14.27 -28.75 5.34
N GLN C 268 15.24 -27.96 5.78
CA GLN C 268 16.14 -28.38 6.84
C GLN C 268 15.44 -28.32 8.19
N ARG C 269 14.50 -27.39 8.32
CA ARG C 269 13.82 -27.20 9.60
C ARG C 269 12.46 -27.87 9.61
N ALA C 270 12.10 -28.53 8.51
CA ALA C 270 10.76 -29.06 8.37
C ALA C 270 10.49 -30.15 9.39
N GLU C 271 11.49 -31.01 9.61
CA GLU C 271 11.35 -32.13 10.53
C GLU C 271 11.06 -31.60 11.93
N LEU C 272 11.85 -30.63 12.36
CA LEU C 272 11.70 -30.08 13.69
C LEU C 272 10.38 -29.34 13.83
N MET C 273 10.01 -28.59 12.79
CA MET C 273 8.77 -27.84 12.84
C MET C 273 7.59 -28.80 12.88
N GLN C 274 7.67 -29.87 12.09
CA GLN C 274 6.62 -30.87 12.11
C GLN C 274 6.48 -31.40 13.52
N SER C 275 7.60 -31.86 14.09
CA SER C 275 7.60 -32.40 15.44
C SER C 275 6.99 -31.43 16.43
N TRP C 276 7.40 -30.17 16.31
CA TRP C 276 6.92 -29.11 17.18
C TRP C 276 5.41 -28.93 17.07
N PHE C 277 4.93 -28.82 15.84
CA PHE C 277 3.50 -28.67 15.60
C PHE C 277 2.73 -29.89 16.13
N GLU C 278 3.21 -31.08 15.80
CA GLU C 278 2.56 -32.31 16.24
C GLU C 278 2.43 -32.30 17.75
N LYS C 279 3.50 -31.87 18.43
CA LYS C 279 3.55 -31.89 19.89
C LYS C 279 2.75 -30.76 20.52
N ILE C 280 2.67 -29.62 19.83
CA ILE C 280 1.79 -28.56 20.27
C ILE C 280 0.35 -29.05 20.18
N ILE C 281 0.01 -29.62 19.03
CA ILE C 281 -1.33 -30.10 18.77
C ILE C 281 -1.79 -31.09 19.84
N GLU C 282 -0.89 -31.97 20.24
CA GLU C 282 -1.25 -32.99 21.21
C GLU C 282 -1.58 -32.37 22.56
N LYS C 283 -1.04 -31.18 22.81
CA LYS C 283 -1.26 -30.52 24.10
C LYS C 283 -2.33 -29.42 24.04
N LEU C 284 -2.89 -29.19 22.87
CA LEU C 284 -4.00 -28.24 22.73
C LEU C 284 -5.12 -28.64 23.69
N PRO C 285 -5.77 -27.64 24.31
CA PRO C 285 -6.75 -27.90 25.36
C PRO C 285 -8.01 -28.61 24.84
N LYS C 286 -8.79 -29.18 25.74
CA LYS C 286 -10.02 -29.88 25.38
C LYS C 286 -9.76 -31.06 24.45
N ASP C 287 -10.61 -31.23 23.44
CA ASP C 287 -10.47 -32.33 22.47
C ASP C 287 -10.69 -31.85 21.04
O5' GMP D . 5.81 17.10 -9.61
C5' GMP D . 5.01 15.94 -9.74
C4' GMP D . 5.79 14.92 -10.54
O4' GMP D . 7.16 15.10 -10.22
C3' GMP D . 5.43 13.51 -10.13
O3' GMP D . 5.46 12.67 -11.26
C2' GMP D . 6.49 13.13 -9.11
O2' GMP D . 7.00 11.83 -9.36
C1' GMP D . 7.60 14.16 -9.28
N9 GMP D . 7.86 14.90 -8.02
C8 GMP D . 8.50 16.11 -7.93
N7 GMP D . 8.53 16.48 -6.63
C5 GMP D . 7.90 15.54 -5.89
C6 GMP D . 7.64 15.42 -4.52
O6 GMP D . 8.02 16.28 -3.72
N1 GMP D . 6.98 14.31 -4.06
C2 GMP D . 6.56 13.33 -4.93
N2 GMP D . 5.91 12.27 -4.49
N3 GMP D . 6.82 13.46 -6.27
C4 GMP D . 7.48 14.55 -6.75
S SO4 E . 8.75 11.86 -12.65
O1 SO4 E . 8.63 11.10 -11.36
O2 SO4 E . 7.61 12.85 -12.74
O3 SO4 E . 10.06 12.59 -12.71
O4 SO4 E . 8.68 10.90 -13.83
S DMS F . 4.03 -8.36 -13.87
O DMS F . 4.45 -9.53 -15.15
C1 DMS F . 3.99 -6.68 -14.57
C2 DMS F . 2.27 -8.53 -13.44
S DMS G . 1.53 1.62 2.73
O DMS G . 2.76 0.41 2.22
C1 DMS G . 0.11 1.54 1.62
C2 DMS G . 0.72 1.04 4.25
C ACT H . -9.54 3.27 14.39
O ACT H . -9.10 2.98 13.24
OXT ACT H . -8.93 2.86 15.41
CH3 ACT H . -10.77 4.08 14.56
S DMS I . -10.35 11.10 -8.91
O DMS I . -10.95 12.15 -10.21
C1 DMS I . -11.74 10.56 -7.87
C2 DMS I . -9.87 9.48 -9.56
S SO4 J . 5.23 -18.54 2.88
O1 SO4 J . 5.44 -17.21 3.55
O2 SO4 J . 3.75 -18.83 2.80
O3 SO4 J . 5.80 -18.48 1.49
O4 SO4 J . 5.92 -19.63 3.65
O5' GMP K . 10.94 -16.83 -0.31
C5' GMP K . 9.78 -16.12 -0.67
C4' GMP K . 8.56 -16.73 0.00
O4' GMP K . 8.89 -17.00 1.34
C3' GMP K . 7.45 -15.71 0.02
O3' GMP K . 6.22 -16.37 -0.15
C2' GMP K . 7.61 -15.02 1.36
O2' GMP K . 6.37 -14.90 2.03
C1' GMP K . 8.55 -15.90 2.18
N9 GMP K . 9.82 -15.22 2.58
C8 GMP K . 10.96 -15.89 2.94
N7 GMP K . 11.92 -14.98 3.23
C5 GMP K . 11.44 -13.74 3.04
C6 GMP K . 12.00 -12.48 3.18
O6 GMP K . 13.15 -12.33 3.54
N1 GMP K . 11.24 -11.36 2.91
C2 GMP K . 9.94 -11.52 2.51
N2 GMP K . 9.20 -10.44 2.24
N3 GMP K . 9.39 -12.77 2.38
C4 GMP K . 10.11 -13.88 2.63
S DMS L . -13.77 -10.32 2.58
O DMS L . -15.40 -10.98 2.90
C1 DMS L . -12.74 -11.62 1.85
C2 DMS L . -13.82 -9.16 1.18
#